data_7PZ1
#
_entry.id   7PZ1
#
_cell.length_a   81.191
_cell.length_b   81.827
_cell.length_c   169.555
_cell.angle_alpha   90.000
_cell.angle_beta   90.000
_cell.angle_gamma   90.000
#
_symmetry.space_group_name_H-M   'P 21 21 21'
#
loop_
_entity.id
_entity.type
_entity.pdbx_description
1 polymer 'N-glycosylase/DNA lyase'
2 non-polymer 4-(4-bromanyl-2-oxidanylidene-3~{H}-benzimidazol-1-yl)-~{N}-(3-methoxy-4-methyl-phenyl)piperidine-1-carboxamide
3 non-polymer 'NICKEL (II) ION'
4 non-polymer 1,2-ETHANEDIOL
5 non-polymer GLYCEROL
6 water water
#
_entity_poly.entity_id   1
_entity_poly.type   'polypeptide(L)'
_entity_poly.pdbx_seq_one_letter_code
;GSHMRHRTLSSSPALWASIPCPRSELRLDLVLASGQSFRWKEQSPAHWSGVLADQVWTLTQTEDQLYCTVYRGDDSQVSR
PTLEELETLHKYFQLDVSLAQLYSHWASVDSHFQRVAQKFQGVRLLRQDPTECLFSFICSSNNNIARITGMVERLCQAFG
PRLIQLDDVTYHGFPNLHALAGPEAETHLRKLGLGYRARYVRASAKAILEEQGGPAWLQQLRVAPYEEAHKALCTLPGVG
AKVADCICLMALDKPQAVPVDVHVWQIAHRDYGWHPKTSQAKGPSPLANKELGNFFRNLWGPYAGWAQAVLFSADLRQ
;
_entity_poly.pdbx_strand_id   AAA,BBB,CCC
#
# COMPACT_ATOMS: atom_id res chain seq x y z
N HIS A 3 -10.94 -17.74 -42.85
CA HIS A 3 -11.92 -17.13 -43.80
C HIS A 3 -12.44 -15.80 -43.22
N MET A 4 -13.06 -15.86 -42.04
CA MET A 4 -13.69 -14.70 -41.34
C MET A 4 -12.79 -14.29 -40.16
N ARG A 5 -12.63 -12.98 -39.94
CA ARG A 5 -11.66 -12.38 -38.99
C ARG A 5 -12.38 -11.54 -37.93
N HIS A 6 -11.67 -11.23 -36.84
CA HIS A 6 -12.12 -10.31 -35.75
C HIS A 6 -12.33 -8.90 -36.33
N ARG A 7 -13.47 -8.28 -36.03
CA ARG A 7 -13.84 -6.93 -36.51
C ARG A 7 -13.23 -5.86 -35.61
N THR A 8 -12.92 -4.69 -36.19
CA THR A 8 -12.60 -3.42 -35.49
C THR A 8 -13.56 -2.34 -36.00
N LEU A 9 -13.71 -1.24 -35.25
CA LEU A 9 -14.67 -0.15 -35.56
C LEU A 9 -14.17 0.61 -36.80
N SER A 10 -12.87 0.60 -37.06
CA SER A 10 -12.21 1.21 -38.25
C SER A 10 -12.42 0.34 -39.49
N SER A 11 -12.22 -0.98 -39.37
CA SER A 11 -12.30 -1.97 -40.47
C SER A 11 -13.68 -1.94 -41.13
N SER A 12 -14.71 -2.37 -40.39
CA SER A 12 -16.09 -2.60 -40.90
C SER A 12 -17.12 -1.87 -40.05
N PRO A 13 -17.11 -0.51 -40.01
CA PRO A 13 -18.03 0.26 -39.18
C PRO A 13 -19.51 0.08 -39.55
N ALA A 14 -19.80 -0.45 -40.74
CA ALA A 14 -21.14 -0.73 -41.28
C ALA A 14 -21.88 -1.74 -40.39
N LEU A 15 -21.17 -2.70 -39.79
CA LEU A 15 -21.75 -3.86 -39.06
C LEU A 15 -21.82 -3.60 -37.55
N TRP A 16 -21.54 -2.37 -37.10
CA TRP A 16 -21.55 -1.98 -35.66
C TRP A 16 -22.84 -1.23 -35.31
N ALA A 17 -23.23 -1.27 -34.03
CA ALA A 17 -24.35 -0.50 -33.44
C ALA A 17 -23.92 0.02 -32.06
N SER A 18 -24.46 1.17 -31.65
CA SER A 18 -24.05 1.91 -30.42
C SER A 18 -25.16 1.87 -29.37
N ILE A 19 -24.79 2.04 -28.10
CA ILE A 19 -25.71 2.28 -26.96
C ILE A 19 -25.20 3.52 -26.20
N PRO A 20 -26.08 4.50 -25.88
CA PRO A 20 -25.64 5.70 -25.16
C PRO A 20 -25.20 5.32 -23.74
N CYS A 21 -23.89 5.35 -23.49
CA CYS A 21 -23.23 4.84 -22.25
C CYS A 21 -21.98 5.66 -21.93
N PRO A 22 -22.01 6.54 -20.91
CA PRO A 22 -20.81 7.25 -20.46
C PRO A 22 -19.71 6.32 -19.93
N ARG A 23 -18.46 6.79 -19.94
CA ARG A 23 -17.27 6.06 -19.44
C ARG A 23 -17.38 5.89 -17.92
N SER A 24 -18.08 6.82 -17.24
CA SER A 24 -18.34 6.83 -15.78
C SER A 24 -19.22 5.63 -15.39
N GLU A 25 -20.11 5.20 -16.28
CA GLU A 25 -21.12 4.14 -16.01
C GLU A 25 -20.57 2.76 -16.37
N LEU A 26 -19.56 2.68 -17.25
CA LEU A 26 -19.00 1.39 -17.72
C LEU A 26 -17.60 1.60 -18.34
N ARG A 27 -16.61 0.85 -17.84
CA ARG A 27 -15.26 0.71 -18.44
C ARG A 27 -15.01 -0.76 -18.77
N LEU A 28 -15.13 -1.12 -20.06
CA LEU A 28 -14.93 -2.50 -20.59
C LEU A 28 -13.63 -3.10 -20.01
N ASP A 29 -12.52 -2.36 -20.11
CA ASP A 29 -11.15 -2.80 -19.72
C ASP A 29 -11.12 -3.18 -18.23
N LEU A 30 -11.92 -2.52 -17.38
CA LEU A 30 -11.99 -2.80 -15.92
C LEU A 30 -12.93 -3.98 -15.64
N VAL A 31 -14.10 -4.03 -16.29
CA VAL A 31 -15.21 -4.97 -15.97
C VAL A 31 -14.89 -6.37 -16.54
N LEU A 32 -14.54 -6.45 -17.82
CA LEU A 32 -14.42 -7.74 -18.57
C LEU A 32 -13.18 -8.52 -18.12
N ALA A 33 -12.29 -7.93 -17.32
CA ALA A 33 -11.08 -8.58 -16.77
C ALA A 33 -10.93 -8.29 -15.27
N SER A 34 -12.04 -8.31 -14.53
CA SER A 34 -12.07 -8.14 -13.04
C SER A 34 -12.41 -9.47 -12.36
N GLY A 35 -12.34 -10.59 -13.11
CA GLY A 35 -12.64 -11.94 -12.60
C GLY A 35 -14.13 -12.14 -12.36
N GLN A 36 -14.98 -11.56 -13.21
CA GLN A 36 -16.46 -11.75 -13.19
C GLN A 36 -16.82 -12.81 -14.23
N SER A 37 -16.63 -12.48 -15.51
CA SER A 37 -16.64 -13.44 -16.66
C SER A 37 -15.19 -13.80 -16.99
N PHE A 38 -14.96 -15.00 -17.53
CA PHE A 38 -13.64 -15.53 -17.95
C PHE A 38 -13.70 -15.89 -19.45
N ARG A 39 -14.56 -15.19 -20.20
CA ARG A 39 -14.94 -15.54 -21.61
C ARG A 39 -14.63 -14.38 -22.56
N TRP A 40 -14.11 -13.25 -22.08
CA TRP A 40 -13.78 -12.05 -22.89
C TRP A 40 -12.26 -11.91 -23.01
N LYS A 41 -11.76 -11.65 -24.23
CA LYS A 41 -10.33 -11.41 -24.52
C LYS A 41 -10.19 -10.20 -25.44
N GLU A 42 -9.24 -9.31 -25.14
CA GLU A 42 -8.91 -8.11 -25.95
C GLU A 42 -8.07 -8.56 -27.15
N GLN A 43 -8.73 -9.14 -28.16
CA GLN A 43 -8.10 -9.77 -29.35
C GLN A 43 -7.39 -8.70 -30.19
N SER A 44 -7.90 -7.46 -30.16
CA SER A 44 -7.24 -6.24 -30.70
C SER A 44 -7.45 -5.09 -29.72
N PRO A 45 -6.55 -4.07 -29.69
CA PRO A 45 -6.62 -3.01 -28.68
C PRO A 45 -7.99 -2.32 -28.60
N ALA A 46 -8.56 -2.26 -27.39
CA ALA A 46 -9.85 -1.61 -27.04
C ALA A 46 -11.04 -2.36 -27.68
N HIS A 47 -10.81 -3.60 -28.15
CA HIS A 47 -11.83 -4.46 -28.81
C HIS A 47 -11.90 -5.81 -28.08
N TRP A 48 -12.95 -5.99 -27.28
CA TRP A 48 -13.14 -7.16 -26.39
C TRP A 48 -14.11 -8.16 -27.05
N SER A 49 -13.60 -9.34 -27.42
CA SER A 49 -14.38 -10.43 -28.07
C SER A 49 -14.69 -11.52 -27.03
N GLY A 50 -15.95 -11.96 -26.99
CA GLY A 50 -16.43 -13.06 -26.12
C GLY A 50 -17.76 -13.60 -26.59
N VAL A 51 -18.13 -14.79 -26.13
CA VAL A 51 -19.42 -15.47 -26.50
C VAL A 51 -20.45 -15.15 -25.41
N LEU A 52 -21.67 -14.81 -25.84
CA LEU A 52 -22.81 -14.43 -24.97
C LEU A 52 -24.09 -15.07 -25.52
N ALA A 53 -24.60 -16.11 -24.84
CA ALA A 53 -25.89 -16.78 -25.11
C ALA A 53 -25.90 -17.37 -26.52
N ASP A 54 -24.90 -18.21 -26.84
CA ASP A 54 -24.80 -18.97 -28.12
C ASP A 54 -24.54 -18.01 -29.29
N GLN A 55 -23.96 -16.83 -29.03
CA GLN A 55 -23.54 -15.83 -30.04
C GLN A 55 -22.21 -15.22 -29.61
N VAL A 56 -21.37 -14.82 -30.57
CA VAL A 56 -20.08 -14.11 -30.32
C VAL A 56 -20.31 -12.61 -30.53
N TRP A 57 -19.76 -11.78 -29.63
CA TRP A 57 -19.80 -10.30 -29.69
C TRP A 57 -18.36 -9.76 -29.71
N THR A 58 -18.17 -8.57 -30.30
CA THR A 58 -16.97 -7.71 -30.09
C THR A 58 -17.47 -6.34 -29.58
N LEU A 59 -16.86 -5.85 -28.49
CA LEU A 59 -17.29 -4.61 -27.78
C LEU A 59 -16.14 -3.61 -27.76
N THR A 60 -16.46 -2.33 -28.05
CA THR A 60 -15.55 -1.16 -27.93
C THR A 60 -16.40 0.06 -27.54
N GLN A 61 -15.77 1.13 -27.05
CA GLN A 61 -16.49 2.32 -26.50
C GLN A 61 -15.69 3.60 -26.74
N THR A 62 -16.39 4.73 -26.78
CA THR A 62 -15.82 6.11 -26.73
C THR A 62 -16.09 6.68 -25.33
N GLU A 63 -16.17 7.99 -25.19
CA GLU A 63 -16.39 8.66 -23.88
C GLU A 63 -17.87 8.58 -23.48
N ASP A 64 -18.80 8.51 -24.45
CA ASP A 64 -20.26 8.56 -24.18
C ASP A 64 -21.03 7.55 -25.06
N GLN A 65 -20.37 6.54 -25.63
CA GLN A 65 -21.02 5.52 -26.50
C GLN A 65 -20.34 4.15 -26.31
N LEU A 66 -21.17 3.10 -26.29
CA LEU A 66 -20.74 1.66 -26.26
C LEU A 66 -21.05 1.03 -27.62
N TYR A 67 -20.03 0.82 -28.45
CA TYR A 67 -20.12 0.23 -29.82
C TYR A 67 -19.98 -1.29 -29.73
N CYS A 68 -20.86 -2.03 -30.40
CA CYS A 68 -20.95 -3.51 -30.35
C CYS A 68 -21.36 -4.09 -31.71
N THR A 69 -20.79 -5.24 -32.08
CA THR A 69 -21.08 -6.00 -33.33
C THR A 69 -21.26 -7.48 -32.99
N VAL A 70 -22.09 -8.19 -33.76
CA VAL A 70 -22.50 -9.61 -33.52
C VAL A 70 -22.01 -10.48 -34.68
N TYR A 71 -21.57 -11.71 -34.36
CA TYR A 71 -21.30 -12.82 -35.33
C TYR A 71 -22.26 -13.97 -35.02
N ARG A 72 -23.31 -14.14 -35.83
CA ARG A 72 -24.34 -15.20 -35.65
C ARG A 72 -23.69 -16.57 -35.90
N GLY A 73 -23.00 -16.74 -37.03
CA GLY A 73 -22.11 -17.88 -37.31
C GLY A 73 -22.73 -18.93 -38.22
N ASP A 74 -24.07 -18.99 -38.31
CA ASP A 74 -24.83 -20.01 -39.09
C ASP A 74 -24.80 -19.63 -40.57
N ASP A 75 -23.61 -19.38 -41.13
CA ASP A 75 -23.37 -18.93 -42.54
C ASP A 75 -24.48 -17.97 -42.97
N SER A 76 -24.83 -17.00 -42.12
CA SER A 76 -25.93 -16.03 -42.32
C SER A 76 -25.42 -14.75 -42.99
N GLN A 77 -26.33 -13.90 -43.46
CA GLN A 77 -26.02 -12.57 -44.05
C GLN A 77 -25.62 -11.61 -42.94
N VAL A 78 -24.33 -11.27 -42.85
CA VAL A 78 -23.76 -10.36 -41.80
C VAL A 78 -24.54 -9.06 -41.79
N SER A 79 -24.89 -8.56 -40.59
CA SER A 79 -25.66 -7.30 -40.38
C SER A 79 -25.35 -6.73 -38.98
N ARG A 80 -25.89 -5.55 -38.68
CA ARG A 80 -25.74 -4.87 -37.36
C ARG A 80 -26.55 -5.62 -36.31
N PRO A 81 -26.25 -5.42 -35.00
CA PRO A 81 -27.10 -5.95 -33.93
C PRO A 81 -28.56 -5.49 -34.05
N THR A 82 -29.51 -6.36 -33.66
CA THR A 82 -30.97 -6.10 -33.69
C THR A 82 -31.37 -5.32 -32.43
N LEU A 83 -32.66 -5.04 -32.25
CA LEU A 83 -33.22 -4.36 -31.05
C LEU A 83 -33.11 -5.30 -29.84
N GLU A 84 -33.46 -6.58 -30.02
CA GLU A 84 -33.49 -7.62 -28.96
C GLU A 84 -32.07 -7.96 -28.51
N GLU A 85 -31.13 -8.06 -29.45
CA GLU A 85 -29.70 -8.36 -29.18
C GLU A 85 -29.04 -7.20 -28.42
N LEU A 86 -29.48 -5.97 -28.68
CA LEU A 86 -29.02 -4.75 -27.94
C LEU A 86 -29.66 -4.71 -26.55
N GLU A 87 -30.91 -5.17 -26.42
CA GLU A 87 -31.61 -5.32 -25.11
C GLU A 87 -30.87 -6.35 -24.25
N THR A 88 -30.41 -7.45 -24.86
CA THR A 88 -29.61 -8.53 -24.22
C THR A 88 -28.33 -7.92 -23.63
N LEU A 89 -27.68 -7.01 -24.35
CA LEU A 89 -26.41 -6.37 -23.94
C LEU A 89 -26.68 -5.33 -22.83
N HIS A 90 -27.84 -4.67 -22.88
CA HIS A 90 -28.29 -3.66 -21.88
C HIS A 90 -28.53 -4.34 -20.53
N LYS A 91 -29.22 -5.50 -20.54
CA LYS A 91 -29.50 -6.33 -19.34
C LYS A 91 -28.18 -6.90 -18.80
N TYR A 92 -27.26 -7.32 -19.68
CA TYR A 92 -25.97 -7.96 -19.34
C TYR A 92 -25.10 -7.01 -18.52
N PHE A 93 -25.11 -5.72 -18.85
CA PHE A 93 -24.33 -4.65 -18.16
C PHE A 93 -25.19 -3.96 -17.09
N GLN A 94 -26.49 -4.29 -17.02
CA GLN A 94 -27.44 -3.76 -16.00
C GLN A 94 -27.40 -2.22 -16.00
N LEU A 95 -27.47 -1.62 -17.20
CA LEU A 95 -27.26 -0.16 -17.42
C LEU A 95 -28.46 0.65 -16.91
N ASP A 96 -29.61 -0.01 -16.66
CA ASP A 96 -30.82 0.61 -16.04
C ASP A 96 -30.47 1.16 -14.66
N VAL A 97 -29.51 0.55 -13.97
CA VAL A 97 -29.02 0.99 -12.63
C VAL A 97 -27.95 2.06 -12.82
N SER A 98 -28.12 3.22 -12.17
CA SER A 98 -27.14 4.34 -12.15
C SER A 98 -25.98 3.96 -11.22
N LEU A 99 -24.77 3.84 -11.78
CA LEU A 99 -23.53 3.51 -11.04
C LEU A 99 -22.98 4.78 -10.37
N ALA A 100 -23.17 5.95 -11.00
CA ALA A 100 -22.75 7.28 -10.50
C ALA A 100 -23.39 7.54 -9.12
N GLN A 101 -24.70 7.30 -9.00
CA GLN A 101 -25.49 7.52 -7.76
C GLN A 101 -25.03 6.55 -6.66
N LEU A 102 -24.75 5.29 -7.03
CA LEU A 102 -24.26 4.24 -6.09
C LEU A 102 -22.86 4.62 -5.57
N TYR A 103 -21.95 4.98 -6.47
CA TYR A 103 -20.57 5.44 -6.16
C TYR A 103 -20.63 6.54 -5.09
N SER A 104 -21.49 7.53 -5.29
CA SER A 104 -21.67 8.70 -4.37
C SER A 104 -22.23 8.22 -3.03
N HIS A 105 -23.21 7.31 -3.05
CA HIS A 105 -23.89 6.75 -1.84
C HIS A 105 -22.87 5.98 -0.99
N TRP A 106 -22.03 5.14 -1.62
CA TRP A 106 -20.96 4.36 -0.95
C TRP A 106 -19.90 5.31 -0.38
N ALA A 107 -19.53 6.34 -1.15
CA ALA A 107 -18.47 7.33 -0.83
C ALA A 107 -18.84 8.15 0.42
N SER A 108 -20.12 8.40 0.64
CA SER A 108 -20.65 9.26 1.74
C SER A 108 -20.28 8.70 3.11
N VAL A 109 -20.20 7.36 3.25
CA VAL A 109 -19.94 6.66 4.53
C VAL A 109 -18.54 6.01 4.52
N ASP A 110 -17.82 6.05 3.40
CA ASP A 110 -16.53 5.34 3.22
C ASP A 110 -15.51 6.28 2.54
N SER A 111 -14.54 6.77 3.32
CA SER A 111 -13.45 7.67 2.86
C SER A 111 -12.48 6.89 1.96
N HIS A 112 -12.25 5.61 2.25
CA HIS A 112 -11.34 4.71 1.47
C HIS A 112 -11.89 4.52 0.06
N PHE A 113 -13.20 4.23 -0.07
CA PHE A 113 -13.89 4.06 -1.38
C PHE A 113 -13.76 5.34 -2.20
N GLN A 114 -13.92 6.50 -1.55
CA GLN A 114 -13.85 7.86 -2.16
C GLN A 114 -12.52 8.00 -2.92
N ARG A 115 -11.41 7.61 -2.29
CA ARG A 115 -10.03 7.69 -2.86
C ARG A 115 -9.91 6.76 -4.08
N VAL A 116 -10.40 5.52 -3.95
CA VAL A 116 -10.30 4.46 -5.00
C VAL A 116 -11.26 4.79 -6.16
N ALA A 117 -12.40 5.41 -5.85
CA ALA A 117 -13.48 5.77 -6.81
C ALA A 117 -13.00 6.82 -7.83
N GLN A 118 -11.85 7.46 -7.58
CA GLN A 118 -11.25 8.50 -8.45
C GLN A 118 -10.82 7.85 -9.78
N LYS A 119 -9.84 6.93 -9.73
CA LYS A 119 -9.20 6.30 -10.92
C LYS A 119 -10.14 5.24 -11.51
N PHE A 120 -10.76 4.42 -10.66
CA PHE A 120 -11.52 3.21 -11.05
C PHE A 120 -13.03 3.51 -11.05
N GLN A 121 -13.48 4.26 -12.07
CA GLN A 121 -14.91 4.52 -12.36
C GLN A 121 -15.41 3.49 -13.39
N GLY A 122 -16.72 3.31 -13.48
CA GLY A 122 -17.38 2.45 -14.50
C GLY A 122 -17.13 0.96 -14.24
N VAL A 123 -16.88 0.57 -12.99
CA VAL A 123 -16.78 -0.86 -12.55
C VAL A 123 -18.16 -1.28 -12.05
N ARG A 124 -18.91 -2.01 -12.87
CA ARG A 124 -20.28 -2.52 -12.56
C ARG A 124 -20.28 -4.05 -12.64
N LEU A 125 -21.33 -4.67 -12.09
CA LEU A 125 -21.51 -6.15 -12.08
C LEU A 125 -22.21 -6.58 -13.36
N LEU A 126 -21.68 -7.60 -14.04
CA LEU A 126 -22.34 -8.27 -15.19
C LEU A 126 -23.50 -9.12 -14.67
N ARG A 127 -24.57 -9.24 -15.45
CA ARG A 127 -25.70 -10.18 -15.20
C ARG A 127 -25.47 -11.42 -16.06
N GLN A 128 -24.90 -12.47 -15.46
CA GLN A 128 -24.39 -13.68 -16.17
C GLN A 128 -25.44 -14.80 -16.13
N ASP A 129 -25.32 -15.75 -17.07
CA ASP A 129 -26.08 -17.03 -17.08
C ASP A 129 -25.70 -17.81 -15.82
N PRO A 130 -26.68 -18.21 -14.97
CA PRO A 130 -26.39 -18.98 -13.77
C PRO A 130 -25.49 -20.21 -13.97
N THR A 131 -25.74 -20.99 -15.02
CA THR A 131 -24.99 -22.24 -15.34
C THR A 131 -23.52 -21.92 -15.60
N GLU A 132 -23.26 -21.00 -16.53
CA GLU A 132 -21.89 -20.52 -16.88
C GLU A 132 -21.19 -20.03 -15.61
N CYS A 133 -21.86 -19.16 -14.84
CA CYS A 133 -21.34 -18.55 -13.59
C CYS A 133 -21.02 -19.65 -12.57
N LEU A 134 -21.93 -20.58 -12.34
CA LEU A 134 -21.82 -21.65 -11.32
C LEU A 134 -20.55 -22.46 -11.57
N PHE A 135 -20.38 -23.01 -12.77
CA PHE A 135 -19.30 -23.95 -13.14
C PHE A 135 -17.97 -23.21 -13.31
N SER A 136 -18.01 -21.95 -13.75
CA SER A 136 -16.82 -21.05 -13.84
C SER A 136 -16.23 -20.82 -12.44
N PHE A 137 -17.09 -20.65 -11.43
CA PHE A 137 -16.67 -20.30 -10.04
C PHE A 137 -16.45 -21.58 -9.21
N ILE A 138 -16.85 -22.75 -9.72
CA ILE A 138 -16.38 -24.07 -9.20
C ILE A 138 -14.91 -24.25 -9.62
N CYS A 139 -14.54 -23.74 -10.80
CA CYS A 139 -13.16 -23.79 -11.35
C CYS A 139 -12.25 -22.77 -10.66
N SER A 140 -12.81 -21.81 -9.92
CA SER A 140 -12.10 -20.62 -9.36
C SER A 140 -11.37 -20.95 -8.05
N SER A 141 -11.76 -22.03 -7.36
CA SER A 141 -11.22 -22.45 -6.05
C SER A 141 -9.69 -22.56 -6.13
N ASN A 142 -8.97 -21.84 -5.26
CA ASN A 142 -7.48 -21.82 -5.16
C ASN A 142 -6.88 -21.74 -6.57
N ASN A 143 -7.23 -20.69 -7.31
CA ASN A 143 -6.89 -20.53 -8.75
C ASN A 143 -6.81 -19.04 -9.11
N ASN A 144 -6.03 -18.71 -10.14
CA ASN A 144 -5.85 -17.33 -10.66
C ASN A 144 -6.74 -17.14 -11.90
N ILE A 145 -6.97 -15.89 -12.30
CA ILE A 145 -7.87 -15.50 -13.44
C ILE A 145 -7.42 -16.22 -14.72
N ALA A 146 -6.11 -16.22 -14.99
CA ALA A 146 -5.50 -16.77 -16.23
C ALA A 146 -5.73 -18.28 -16.33
N ARG A 147 -5.57 -18.99 -15.22
CA ARG A 147 -5.71 -20.48 -15.15
C ARG A 147 -7.19 -20.86 -15.25
N ILE A 148 -8.07 -20.09 -14.61
CA ILE A 148 -9.55 -20.26 -14.66
C ILE A 148 -10.01 -20.09 -16.12
N THR A 149 -9.58 -19.00 -16.77
CA THR A 149 -9.87 -18.66 -18.19
C THR A 149 -9.49 -19.84 -19.09
N GLY A 150 -8.36 -20.50 -18.79
CA GLY A 150 -7.88 -21.70 -19.52
C GLY A 150 -8.84 -22.87 -19.40
N MET A 151 -9.16 -23.25 -18.16
CA MET A 151 -10.05 -24.41 -17.84
C MET A 151 -11.42 -24.22 -18.50
N VAL A 152 -11.99 -23.02 -18.40
CA VAL A 152 -13.36 -22.69 -18.91
C VAL A 152 -13.36 -22.75 -20.45
N GLU A 153 -12.31 -22.24 -21.09
CA GLU A 153 -12.15 -22.23 -22.58
C GLU A 153 -12.10 -23.68 -23.07
N ARG A 154 -11.26 -24.51 -22.44
CA ARG A 154 -11.06 -25.95 -22.80
C ARG A 154 -12.37 -26.73 -22.57
N LEU A 155 -12.99 -26.54 -21.40
CA LEU A 155 -14.29 -27.16 -21.01
C LEU A 155 -15.33 -26.90 -22.10
N CYS A 156 -15.41 -25.66 -22.60
CA CYS A 156 -16.41 -25.20 -23.60
C CYS A 156 -16.13 -25.82 -24.98
N GLN A 157 -14.85 -25.93 -25.37
CA GLN A 157 -14.45 -26.53 -26.68
C GLN A 157 -14.78 -28.01 -26.69
N ALA A 158 -14.61 -28.70 -25.55
CA ALA A 158 -14.76 -30.16 -25.39
C ALA A 158 -16.25 -30.56 -25.30
N PHE A 159 -17.06 -29.78 -24.55
CA PHE A 159 -18.45 -30.13 -24.19
C PHE A 159 -19.47 -29.24 -24.92
N GLY A 160 -19.16 -27.94 -25.08
CA GLY A 160 -20.09 -26.95 -25.65
C GLY A 160 -20.16 -27.03 -27.17
N PRO A 161 -21.27 -26.55 -27.79
CA PRO A 161 -21.38 -26.54 -29.25
C PRO A 161 -20.56 -25.42 -29.90
N ARG A 162 -19.89 -25.72 -31.02
CA ARG A 162 -19.10 -24.74 -31.81
C ARG A 162 -20.05 -23.71 -32.41
N LEU A 163 -19.68 -22.42 -32.37
CA LEU A 163 -20.50 -21.28 -32.84
C LEU A 163 -19.90 -20.71 -34.13
N ILE A 164 -18.61 -20.36 -34.11
CA ILE A 164 -17.89 -19.69 -35.25
C ILE A 164 -16.39 -19.72 -34.97
N GLN A 165 -15.57 -19.51 -36.01
CA GLN A 165 -14.10 -19.29 -35.92
C GLN A 165 -13.78 -17.89 -36.45
N LEU A 166 -13.12 -17.06 -35.62
CA LEU A 166 -12.58 -15.73 -35.99
C LEU A 166 -11.06 -15.78 -35.84
N ASP A 167 -10.33 -15.61 -36.96
CA ASP A 167 -8.85 -15.72 -37.03
C ASP A 167 -8.44 -17.13 -36.57
N ASP A 168 -7.68 -17.24 -35.47
CA ASP A 168 -7.14 -18.52 -34.94
C ASP A 168 -7.98 -19.00 -33.75
N VAL A 169 -9.00 -18.23 -33.34
CA VAL A 169 -9.84 -18.49 -32.13
C VAL A 169 -11.15 -19.16 -32.58
N THR A 170 -11.37 -20.41 -32.16
CA THR A 170 -12.64 -21.16 -32.36
C THR A 170 -13.52 -20.97 -31.13
N TYR A 171 -14.74 -20.45 -31.32
CA TYR A 171 -15.68 -20.03 -30.24
C TYR A 171 -16.77 -21.09 -30.04
N HIS A 172 -16.94 -21.54 -28.80
CA HIS A 172 -17.97 -22.51 -28.36
C HIS A 172 -18.88 -21.85 -27.31
N GLY A 173 -20.19 -22.10 -27.39
CA GLY A 173 -21.17 -21.73 -26.35
C GLY A 173 -20.98 -22.62 -25.13
N PHE A 174 -21.45 -22.17 -23.95
CA PHE A 174 -21.31 -22.94 -22.68
C PHE A 174 -22.19 -24.19 -22.77
N PRO A 175 -21.69 -25.37 -22.35
CA PRO A 175 -22.46 -26.61 -22.45
C PRO A 175 -23.66 -26.64 -21.50
N ASN A 176 -24.69 -27.41 -21.86
CA ASN A 176 -25.88 -27.69 -20.99
C ASN A 176 -25.44 -28.67 -19.89
N LEU A 177 -26.30 -28.86 -18.89
CA LEU A 177 -26.01 -29.67 -17.67
C LEU A 177 -25.81 -31.14 -18.05
N HIS A 178 -26.59 -31.66 -18.99
CA HIS A 178 -26.59 -33.09 -19.41
C HIS A 178 -25.21 -33.47 -19.96
N ALA A 179 -24.57 -32.57 -20.71
CA ALA A 179 -23.26 -32.78 -21.36
C ALA A 179 -22.16 -32.97 -20.31
N LEU A 180 -22.26 -32.27 -19.16
CA LEU A 180 -21.24 -32.27 -18.08
C LEU A 180 -21.49 -33.41 -17.09
N ALA A 181 -22.65 -34.08 -17.18
CA ALA A 181 -23.13 -35.08 -16.20
C ALA A 181 -22.83 -36.51 -16.68
N GLY A 182 -22.31 -36.68 -17.90
CA GLY A 182 -22.04 -37.99 -18.52
C GLY A 182 -21.02 -38.81 -17.74
N PRO A 183 -20.99 -40.15 -17.92
CA PRO A 183 -20.06 -41.00 -17.18
C PRO A 183 -18.57 -40.76 -17.50
N GLU A 184 -18.27 -40.21 -18.68
CA GLU A 184 -16.89 -39.91 -19.15
C GLU A 184 -16.45 -38.52 -18.67
N ALA A 185 -17.39 -37.68 -18.23
CA ALA A 185 -17.23 -36.21 -18.03
C ALA A 185 -16.01 -35.90 -17.14
N GLU A 186 -15.95 -36.49 -15.94
CA GLU A 186 -14.89 -36.22 -14.94
C GLU A 186 -13.51 -36.59 -15.52
N THR A 187 -13.42 -37.75 -16.16
CA THR A 187 -12.17 -38.30 -16.76
C THR A 187 -11.66 -37.34 -17.84
N HIS A 188 -12.54 -36.90 -18.74
CA HIS A 188 -12.24 -35.89 -19.80
C HIS A 188 -11.71 -34.61 -19.15
N LEU A 189 -12.44 -34.07 -18.17
CA LEU A 189 -12.15 -32.76 -17.51
C LEU A 189 -10.77 -32.80 -16.83
N ARG A 190 -10.40 -33.93 -16.21
CA ARG A 190 -9.06 -34.12 -15.57
C ARG A 190 -7.97 -34.06 -16.65
N LYS A 191 -8.22 -34.64 -17.82
CA LYS A 191 -7.31 -34.61 -18.99
C LYS A 191 -7.13 -33.17 -19.48
N LEU A 192 -8.14 -32.31 -19.27
CA LEU A 192 -8.14 -30.87 -19.65
C LEU A 192 -7.55 -30.01 -18.52
N GLY A 193 -7.18 -30.63 -17.39
CA GLY A 193 -6.29 -30.04 -16.36
C GLY A 193 -7.04 -29.34 -15.23
N LEU A 194 -8.30 -29.72 -14.98
CA LEU A 194 -9.14 -29.13 -13.90
C LEU A 194 -8.74 -29.73 -12.54
N GLY A 195 -8.21 -30.96 -12.54
CA GLY A 195 -7.79 -31.67 -11.33
C GLY A 195 -8.98 -32.09 -10.48
N TYR A 196 -8.95 -31.77 -9.19
CA TYR A 196 -10.00 -32.12 -8.18
C TYR A 196 -11.33 -31.45 -8.54
N ARG A 197 -11.27 -30.34 -9.28
CA ARG A 197 -12.46 -29.51 -9.67
C ARG A 197 -13.32 -30.30 -10.68
N ALA A 198 -12.70 -31.22 -11.43
CA ALA A 198 -13.35 -32.09 -12.45
C ALA A 198 -14.50 -32.88 -11.81
N ARG A 199 -14.34 -33.33 -10.57
CA ARG A 199 -15.35 -34.12 -9.81
C ARG A 199 -16.55 -33.22 -9.49
N TYR A 200 -16.30 -32.03 -8.96
CA TYR A 200 -17.33 -31.06 -8.51
C TYR A 200 -18.19 -30.61 -9.68
N VAL A 201 -17.59 -30.42 -10.86
CA VAL A 201 -18.30 -30.03 -12.11
C VAL A 201 -19.32 -31.12 -12.46
N ARG A 202 -18.87 -32.36 -12.65
CA ARG A 202 -19.73 -33.52 -12.99
C ARG A 202 -20.80 -33.71 -11.91
N ALA A 203 -20.38 -33.69 -10.64
CA ALA A 203 -21.23 -33.96 -9.46
C ALA A 203 -22.35 -32.91 -9.35
N SER A 204 -22.00 -31.62 -9.51
CA SER A 204 -22.96 -30.48 -9.44
C SER A 204 -23.93 -30.53 -10.62
N ALA A 205 -23.44 -30.82 -11.82
CA ALA A 205 -24.25 -31.00 -13.06
C ALA A 205 -25.28 -32.10 -12.84
N LYS A 206 -24.84 -33.27 -12.36
CA LYS A 206 -25.69 -34.46 -12.09
C LYS A 206 -26.72 -34.12 -10.99
N ALA A 207 -26.30 -33.35 -9.98
CA ALA A 207 -27.12 -32.95 -8.80
C ALA A 207 -28.26 -32.03 -9.24
N ILE A 208 -27.96 -30.95 -9.98
CA ILE A 208 -28.97 -29.97 -10.47
C ILE A 208 -30.03 -30.70 -11.29
N LEU A 209 -29.59 -31.63 -12.15
CA LEU A 209 -30.49 -32.49 -12.99
C LEU A 209 -31.40 -33.33 -12.10
N GLU A 210 -30.81 -34.24 -11.30
CA GLU A 210 -31.53 -35.30 -10.55
C GLU A 210 -32.20 -34.69 -9.30
N GLU A 211 -31.45 -33.96 -8.47
CA GLU A 211 -31.90 -33.49 -7.13
C GLU A 211 -32.80 -32.25 -7.26
N GLN A 212 -32.55 -31.39 -8.25
CA GLN A 212 -33.17 -30.03 -8.32
C GLN A 212 -34.03 -29.86 -9.58
N GLY A 213 -33.87 -30.71 -10.60
CA GLY A 213 -34.74 -30.74 -11.79
C GLY A 213 -34.34 -29.74 -12.86
N GLY A 214 -33.03 -29.62 -13.13
CA GLY A 214 -32.50 -28.91 -14.32
C GLY A 214 -32.38 -27.40 -14.11
N PRO A 215 -32.17 -26.62 -15.21
CA PRO A 215 -31.78 -25.21 -15.11
C PRO A 215 -32.86 -24.27 -14.56
N ALA A 216 -34.13 -24.66 -14.62
CA ALA A 216 -35.28 -23.89 -14.11
C ALA A 216 -35.08 -23.59 -12.62
N TRP A 217 -34.43 -24.50 -11.90
CA TRP A 217 -34.06 -24.35 -10.46
C TRP A 217 -33.25 -23.07 -10.26
N LEU A 218 -32.22 -22.86 -11.06
CA LEU A 218 -31.31 -21.68 -10.98
C LEU A 218 -32.12 -20.40 -11.26
N GLN A 219 -33.15 -20.50 -12.11
CA GLN A 219 -34.10 -19.38 -12.38
C GLN A 219 -35.01 -19.16 -11.15
N GLN A 220 -35.44 -20.24 -10.48
CA GLN A 220 -36.22 -20.17 -9.21
C GLN A 220 -35.40 -19.41 -8.16
N LEU A 221 -34.10 -19.70 -8.06
CA LEU A 221 -33.16 -19.07 -7.09
C LEU A 221 -33.00 -17.57 -7.43
N ARG A 222 -33.17 -17.19 -8.70
CA ARG A 222 -33.08 -15.79 -9.19
C ARG A 222 -34.15 -14.92 -8.51
N VAL A 223 -35.38 -15.45 -8.40
CA VAL A 223 -36.56 -14.71 -7.84
C VAL A 223 -36.70 -15.01 -6.34
N ALA A 224 -36.11 -16.11 -5.85
CA ALA A 224 -36.05 -16.46 -4.42
C ALA A 224 -35.21 -15.42 -3.67
N PRO A 225 -35.44 -15.20 -2.35
CA PRO A 225 -34.62 -14.27 -1.57
C PRO A 225 -33.18 -14.79 -1.36
N TYR A 226 -32.23 -13.85 -1.21
CA TYR A 226 -30.76 -14.05 -1.18
C TYR A 226 -30.39 -15.29 -0.34
N GLU A 227 -30.87 -15.36 0.90
CA GLU A 227 -30.42 -16.35 1.92
C GLU A 227 -30.96 -17.74 1.56
N GLU A 228 -32.16 -17.83 0.99
CA GLU A 228 -32.77 -19.10 0.50
C GLU A 228 -31.92 -19.63 -0.67
N ALA A 229 -31.50 -18.74 -1.58
CA ALA A 229 -30.68 -19.06 -2.77
C ALA A 229 -29.28 -19.53 -2.34
N HIS A 230 -28.68 -18.83 -1.37
CA HIS A 230 -27.32 -19.11 -0.85
C HIS A 230 -27.26 -20.51 -0.25
N LYS A 231 -28.22 -20.83 0.63
CA LYS A 231 -28.34 -22.15 1.31
C LYS A 231 -28.51 -23.24 0.25
N ALA A 232 -29.37 -23.00 -0.74
CA ALA A 232 -29.71 -23.96 -1.83
C ALA A 232 -28.44 -24.32 -2.61
N LEU A 233 -27.64 -23.32 -3.00
CA LEU A 233 -26.38 -23.52 -3.77
C LEU A 233 -25.36 -24.29 -2.93
N CYS A 234 -25.34 -24.09 -1.61
CA CYS A 234 -24.36 -24.70 -0.67
C CYS A 234 -24.63 -26.20 -0.50
N THR A 235 -25.72 -26.74 -1.05
CA THR A 235 -26.03 -28.19 -1.08
C THR A 235 -25.33 -28.88 -2.25
N LEU A 236 -24.70 -28.11 -3.16
CA LEU A 236 -24.04 -28.65 -4.38
C LEU A 236 -22.60 -29.03 -4.08
N PRO A 237 -22.09 -30.14 -4.67
CA PRO A 237 -20.67 -30.50 -4.57
C PRO A 237 -19.72 -29.41 -5.08
N GLY A 238 -18.79 -28.96 -4.22
CA GLY A 238 -17.75 -27.98 -4.55
C GLY A 238 -18.22 -26.54 -4.48
N VAL A 239 -19.41 -26.31 -3.93
CA VAL A 239 -20.03 -24.95 -3.79
C VAL A 239 -20.20 -24.64 -2.30
N GLY A 240 -19.34 -23.76 -1.76
CA GLY A 240 -19.43 -23.23 -0.38
C GLY A 240 -19.93 -21.80 -0.38
N ALA A 241 -19.81 -21.13 0.77
CA ALA A 241 -20.30 -19.74 1.02
C ALA A 241 -19.72 -18.78 -0.02
N LYS A 242 -18.42 -18.90 -0.32
CA LYS A 242 -17.68 -18.01 -1.26
C LYS A 242 -18.26 -18.16 -2.67
N VAL A 243 -18.31 -19.37 -3.20
CA VAL A 243 -18.78 -19.68 -4.60
C VAL A 243 -20.28 -19.39 -4.68
N ALA A 244 -21.04 -19.68 -3.62
CA ALA A 244 -22.50 -19.46 -3.52
C ALA A 244 -22.79 -17.95 -3.57
N ASP A 245 -22.00 -17.14 -2.87
CA ASP A 245 -22.13 -15.65 -2.83
C ASP A 245 -21.79 -15.05 -4.19
N CYS A 246 -20.76 -15.61 -4.87
CA CYS A 246 -20.32 -15.18 -6.23
C CYS A 246 -21.49 -15.34 -7.22
N ILE A 247 -22.10 -16.53 -7.23
CA ILE A 247 -23.25 -16.87 -8.12
C ILE A 247 -24.42 -15.95 -7.79
N CYS A 248 -24.72 -15.78 -6.50
CA CYS A 248 -25.81 -14.90 -5.98
C CYS A 248 -25.62 -13.48 -6.51
N LEU A 249 -24.41 -12.92 -6.40
CA LEU A 249 -24.07 -11.53 -6.78
C LEU A 249 -24.13 -11.36 -8.31
N MET A 250 -23.63 -12.33 -9.07
CA MET A 250 -23.22 -12.17 -10.49
C MET A 250 -24.24 -12.79 -11.46
N ALA A 251 -25.19 -13.60 -10.98
CA ALA A 251 -26.14 -14.36 -11.85
C ALA A 251 -27.57 -14.33 -11.30
N LEU A 252 -27.77 -14.29 -9.97
CA LEU A 252 -29.10 -14.46 -9.33
C LEU A 252 -29.64 -13.14 -8.78
N ASP A 253 -29.07 -12.00 -9.22
CA ASP A 253 -29.56 -10.63 -8.89
C ASP A 253 -29.70 -10.48 -7.36
N LYS A 254 -28.60 -10.74 -6.63
CA LYS A 254 -28.49 -10.52 -5.16
C LYS A 254 -27.37 -9.51 -4.91
N PRO A 255 -27.63 -8.20 -5.09
CA PRO A 255 -26.57 -7.19 -5.03
C PRO A 255 -25.91 -7.04 -3.65
N GLN A 256 -26.58 -7.51 -2.59
CA GLN A 256 -26.09 -7.43 -1.18
C GLN A 256 -25.13 -8.60 -0.89
N ALA A 257 -25.01 -9.56 -1.82
CA ALA A 257 -24.09 -10.72 -1.72
C ALA A 257 -22.64 -10.23 -1.77
N VAL A 258 -21.88 -10.47 -0.69
CA VAL A 258 -20.45 -10.09 -0.52
C VAL A 258 -19.62 -11.38 -0.45
N PRO A 259 -19.07 -11.89 -1.58
CA PRO A 259 -18.23 -13.09 -1.56
C PRO A 259 -16.98 -12.86 -0.71
N VAL A 260 -16.84 -13.61 0.39
CA VAL A 260 -15.75 -13.47 1.40
C VAL A 260 -14.79 -14.66 1.26
N ASP A 261 -13.55 -14.38 0.84
CA ASP A 261 -12.38 -15.28 0.96
C ASP A 261 -11.19 -14.42 1.41
N VAL A 262 -9.96 -14.90 1.20
CA VAL A 262 -8.70 -14.24 1.66
C VAL A 262 -8.53 -12.86 1.02
N HIS A 263 -9.15 -12.62 -0.15
CA HIS A 263 -9.00 -11.38 -0.96
C HIS A 263 -9.68 -10.19 -0.26
N VAL A 264 -10.95 -10.31 0.16
CA VAL A 264 -11.67 -9.24 0.90
C VAL A 264 -11.12 -9.14 2.32
N TRP A 265 -10.71 -10.27 2.92
CA TRP A 265 -10.10 -10.32 4.26
C TRP A 265 -8.88 -9.39 4.31
N GLN A 266 -8.02 -9.46 3.29
CA GLN A 266 -6.81 -8.62 3.15
C GLN A 266 -7.22 -7.15 3.06
N ILE A 267 -8.19 -6.85 2.19
CA ILE A 267 -8.74 -5.46 1.98
C ILE A 267 -9.40 -4.99 3.27
N ALA A 268 -10.25 -5.83 3.88
CA ALA A 268 -10.98 -5.54 5.14
C ALA A 268 -9.99 -5.13 6.23
N HIS A 269 -8.91 -5.90 6.40
CA HIS A 269 -7.91 -5.71 7.48
C HIS A 269 -7.04 -4.49 7.18
N ARG A 270 -6.38 -4.47 6.01
CA ARG A 270 -5.36 -3.45 5.63
C ARG A 270 -6.03 -2.09 5.45
N ASP A 271 -7.18 -2.03 4.78
CA ASP A 271 -7.79 -0.77 4.27
C ASP A 271 -8.91 -0.27 5.18
N TYR A 272 -9.46 -1.12 6.06
CA TYR A 272 -10.59 -0.77 6.97
C TYR A 272 -10.23 -1.04 8.44
N GLY A 273 -9.10 -1.69 8.71
CA GLY A 273 -8.67 -2.06 10.07
C GLY A 273 -9.64 -2.99 10.76
N TRP A 274 -10.35 -3.84 9.98
CA TRP A 274 -11.39 -4.77 10.49
C TRP A 274 -10.73 -6.00 11.11
N HIS A 275 -11.24 -6.42 12.27
CA HIS A 275 -10.93 -7.71 12.95
C HIS A 275 -12.23 -8.34 13.41
N PRO A 276 -12.36 -9.69 13.42
CA PRO A 276 -13.58 -10.33 13.89
C PRO A 276 -13.85 -9.99 15.36
N LYS A 277 -14.95 -9.26 15.61
CA LYS A 277 -15.36 -8.78 16.96
C LYS A 277 -15.97 -9.93 17.75
N THR A 278 -17.09 -10.48 17.26
CA THR A 278 -17.91 -11.52 17.95
C THR A 278 -17.14 -12.85 18.00
N SER A 279 -16.40 -13.19 16.93
CA SER A 279 -15.61 -14.44 16.80
C SER A 279 -14.29 -14.31 17.57
N GLN A 280 -13.63 -15.46 17.82
CA GLN A 280 -12.42 -15.56 18.69
C GLN A 280 -11.15 -15.50 17.83
N ALA A 281 -10.97 -16.49 16.94
CA ALA A 281 -9.76 -16.68 16.10
C ALA A 281 -9.49 -15.42 15.26
N PRO A 284 -9.32 -16.60 9.77
CA PRO A 284 -10.53 -16.82 8.96
C PRO A 284 -11.25 -18.12 9.34
N SER A 285 -12.58 -18.12 9.24
CA SER A 285 -13.48 -19.25 9.59
C SER A 285 -14.87 -19.00 9.00
N PRO A 286 -15.71 -20.05 8.83
CA PRO A 286 -17.08 -19.87 8.33
C PRO A 286 -17.87 -18.79 9.09
N LEU A 287 -17.72 -18.75 10.41
CA LEU A 287 -18.42 -17.78 11.31
C LEU A 287 -17.84 -16.38 11.11
N ALA A 288 -16.51 -16.26 11.07
CA ALA A 288 -15.77 -14.99 10.90
C ALA A 288 -16.03 -14.40 9.51
N ASN A 289 -16.03 -15.25 8.47
CA ASN A 289 -16.29 -14.86 7.06
C ASN A 289 -17.70 -14.25 6.95
N LYS A 290 -18.69 -14.85 7.62
CA LYS A 290 -20.10 -14.38 7.62
C LYS A 290 -20.18 -13.00 8.27
N GLU A 291 -19.50 -12.81 9.40
CA GLU A 291 -19.42 -11.52 10.14
C GLU A 291 -18.87 -10.42 9.21
N LEU A 292 -17.86 -10.75 8.40
CA LEU A 292 -17.19 -9.80 7.48
C LEU A 292 -18.15 -9.38 6.37
N GLY A 293 -18.93 -10.32 5.84
CA GLY A 293 -19.99 -10.05 4.86
C GLY A 293 -21.04 -9.11 5.42
N ASN A 294 -21.45 -9.33 6.67
CA ASN A 294 -22.45 -8.50 7.40
C ASN A 294 -21.89 -7.11 7.67
N PHE A 295 -20.59 -7.00 7.96
CA PHE A 295 -19.88 -5.72 8.19
C PHE A 295 -19.99 -4.82 6.94
N PHE A 296 -19.72 -5.39 5.76
CA PHE A 296 -19.72 -4.66 4.47
C PHE A 296 -21.16 -4.32 4.05
N ARG A 297 -22.11 -5.24 4.30
CA ARG A 297 -23.55 -5.01 4.03
C ARG A 297 -24.06 -3.87 4.91
N ASN A 298 -23.68 -3.88 6.19
CA ASN A 298 -24.04 -2.84 7.20
C ASN A 298 -23.45 -1.48 6.78
N LEU A 299 -22.23 -1.49 6.23
CA LEU A 299 -21.47 -0.26 5.83
C LEU A 299 -22.03 0.30 4.51
N TRP A 300 -22.04 -0.51 3.44
CA TRP A 300 -22.32 -0.07 2.05
C TRP A 300 -23.83 -0.12 1.75
N GLY A 301 -24.55 -1.09 2.31
CA GLY A 301 -26.02 -1.21 2.18
C GLY A 301 -26.43 -2.35 1.27
N PRO A 302 -27.60 -2.27 0.60
CA PRO A 302 -28.15 -3.39 -0.17
C PRO A 302 -27.46 -3.68 -1.52
N TYR A 303 -26.49 -2.86 -1.93
CA TYR A 303 -25.66 -3.07 -3.14
C TYR A 303 -24.18 -3.20 -2.73
N ALA A 304 -23.93 -3.84 -1.58
CA ALA A 304 -22.58 -4.02 -0.97
C ALA A 304 -21.69 -4.83 -1.91
N GLY A 305 -22.25 -5.82 -2.62
CA GLY A 305 -21.53 -6.67 -3.58
C GLY A 305 -20.95 -5.88 -4.73
N TRP A 306 -21.69 -4.87 -5.22
CA TRP A 306 -21.29 -3.99 -6.34
C TRP A 306 -20.09 -3.13 -5.92
N ALA A 307 -20.08 -2.66 -4.66
CA ALA A 307 -19.01 -1.84 -4.06
C ALA A 307 -17.72 -2.66 -3.98
N GLN A 308 -17.82 -3.92 -3.55
CA GLN A 308 -16.68 -4.87 -3.41
C GLN A 308 -15.96 -5.03 -4.76
N ALA A 309 -16.72 -5.07 -5.87
CA ALA A 309 -16.20 -5.27 -7.24
C ALA A 309 -15.29 -4.12 -7.64
N VAL A 310 -15.59 -2.89 -7.16
CA VAL A 310 -14.79 -1.66 -7.45
C VAL A 310 -13.43 -1.78 -6.77
N LEU A 311 -13.41 -2.17 -5.50
CA LEU A 311 -12.16 -2.39 -4.69
C LEU A 311 -11.39 -3.59 -5.24
N PHE A 312 -12.09 -4.63 -5.68
CA PHE A 312 -11.52 -5.87 -6.28
C PHE A 312 -10.80 -5.51 -7.59
N SER A 313 -11.50 -4.79 -8.47
CA SER A 313 -10.97 -4.26 -9.76
C SER A 313 -9.74 -3.37 -9.49
N ALA A 314 -9.76 -2.62 -8.39
CA ALA A 314 -8.66 -1.71 -7.96
C ALA A 314 -7.46 -2.52 -7.47
N ASP A 315 -7.70 -3.64 -6.77
CA ASP A 315 -6.64 -4.50 -6.18
C ASP A 315 -6.00 -5.38 -7.26
N LEU A 316 -6.74 -5.73 -8.30
CA LEU A 316 -6.24 -6.54 -9.45
C LEU A 316 -5.33 -5.67 -10.34
N ARG A 317 -5.77 -4.45 -10.65
CA ARG A 317 -5.10 -3.53 -11.60
C ARG A 317 -3.97 -2.77 -10.85
N HIS B 3 -13.99 47.06 -9.74
CA HIS B 3 -13.36 45.73 -9.50
C HIS B 3 -11.88 45.78 -9.88
N MET B 4 -11.05 44.97 -9.18
CA MET B 4 -9.57 44.90 -9.36
C MET B 4 -9.20 43.52 -9.90
N ARG B 5 -8.00 43.38 -10.46
CA ARG B 5 -7.51 42.13 -11.12
C ARG B 5 -6.74 41.27 -10.12
N HIS B 6 -6.89 39.95 -10.20
CA HIS B 6 -6.06 38.94 -9.47
C HIS B 6 -4.62 39.05 -9.97
N ARG B 7 -3.68 39.36 -9.08
CA ARG B 7 -2.27 39.71 -9.42
C ARG B 7 -1.45 38.43 -9.64
N THR B 8 -0.68 38.41 -10.74
CA THR B 8 0.48 37.51 -10.95
C THR B 8 1.75 38.31 -10.60
N LEU B 9 2.90 37.64 -10.51
CA LEU B 9 4.20 38.29 -10.17
C LEU B 9 4.69 39.08 -11.39
N SER B 10 4.25 38.68 -12.59
CA SER B 10 4.59 39.33 -13.89
C SER B 10 3.58 40.43 -14.22
N SER B 11 2.34 40.31 -13.75
CA SER B 11 1.22 41.25 -14.02
C SER B 11 1.51 42.62 -13.42
N SER B 12 1.94 42.67 -12.15
CA SER B 12 2.22 43.91 -11.38
C SER B 12 3.41 43.68 -10.45
N PRO B 13 4.64 43.48 -10.99
CA PRO B 13 5.78 43.05 -10.19
C PRO B 13 6.19 44.03 -9.07
N ALA B 14 5.85 45.31 -9.22
CA ALA B 14 6.13 46.39 -8.26
C ALA B 14 5.43 46.11 -6.92
N LEU B 15 4.18 45.65 -6.95
CA LEU B 15 3.25 45.62 -5.79
C LEU B 15 3.50 44.39 -4.88
N TRP B 16 4.54 43.59 -5.15
CA TRP B 16 4.89 42.37 -4.36
C TRP B 16 6.08 42.67 -3.44
N ALA B 17 6.10 42.05 -2.25
CA ALA B 17 7.24 41.99 -1.32
C ALA B 17 7.69 40.52 -1.18
N SER B 18 8.72 40.24 -0.37
CA SER B 18 9.30 38.89 -0.21
C SER B 18 9.96 38.72 1.17
N ILE B 19 9.96 37.48 1.68
CA ILE B 19 10.62 37.06 2.95
C ILE B 19 11.54 35.87 2.62
N PRO B 20 12.75 35.78 3.22
CA PRO B 20 13.61 34.62 3.01
C PRO B 20 12.99 33.34 3.60
N CYS B 21 12.74 32.34 2.75
CA CYS B 21 12.04 31.08 3.10
C CYS B 21 12.36 30.00 2.08
N PRO B 22 13.25 29.03 2.41
CA PRO B 22 13.49 27.87 1.54
C PRO B 22 12.19 27.11 1.23
N ARG B 23 12.07 26.57 0.03
CA ARG B 23 10.90 25.75 -0.42
C ARG B 23 10.81 24.49 0.46
N SER B 24 11.93 24.07 1.04
CA SER B 24 12.05 22.89 1.96
C SER B 24 11.40 23.19 3.31
N GLU B 25 11.27 24.47 3.68
CA GLU B 25 10.71 24.92 4.99
C GLU B 25 9.20 25.16 4.87
N LEU B 26 8.71 25.51 3.68
CA LEU B 26 7.26 25.76 3.41
C LEU B 26 6.96 25.51 1.93
N ARG B 27 6.00 24.62 1.65
CA ARG B 27 5.42 24.38 0.31
C ARG B 27 3.95 24.78 0.34
N LEU B 28 3.60 25.92 -0.25
CA LEU B 28 2.24 26.52 -0.22
C LEU B 28 1.22 25.53 -0.81
N ASP B 29 1.60 24.83 -1.87
CA ASP B 29 0.74 23.85 -2.60
C ASP B 29 0.35 22.70 -1.66
N LEU B 30 1.23 22.34 -0.72
CA LEU B 30 1.02 21.20 0.22
C LEU B 30 0.36 21.68 1.53
N VAL B 31 0.55 22.95 1.91
CA VAL B 31 0.15 23.49 3.25
C VAL B 31 -1.23 24.16 3.16
N LEU B 32 -1.48 24.96 2.12
CA LEU B 32 -2.72 25.78 1.99
C LEU B 32 -3.90 24.94 1.49
N ALA B 33 -3.66 23.68 1.08
CA ALA B 33 -4.67 22.77 0.50
C ALA B 33 -4.76 21.45 1.27
N SER B 34 -4.09 21.33 2.43
CA SER B 34 -3.98 20.07 3.21
C SER B 34 -5.06 19.98 4.29
N GLY B 35 -6.09 20.84 4.22
CA GLY B 35 -7.24 20.81 5.13
C GLY B 35 -6.90 21.35 6.51
N GLN B 36 -6.05 22.39 6.58
CA GLN B 36 -5.81 23.20 7.81
C GLN B 36 -6.70 24.44 7.74
N SER B 37 -6.52 25.24 6.69
CA SER B 37 -7.36 26.42 6.33
C SER B 37 -8.19 26.06 5.09
N PHE B 38 -9.40 26.61 4.99
CA PHE B 38 -10.36 26.36 3.89
C PHE B 38 -10.68 27.69 3.18
N ARG B 39 -9.71 28.62 3.17
CA ARG B 39 -9.88 30.03 2.74
C ARG B 39 -8.75 30.43 1.77
N TRP B 40 -8.09 29.47 1.12
CA TRP B 40 -6.99 29.70 0.14
C TRP B 40 -7.31 28.96 -1.17
N LYS B 41 -7.30 29.68 -2.29
CA LYS B 41 -7.55 29.13 -3.65
C LYS B 41 -6.38 29.50 -4.57
N GLU B 42 -5.94 28.55 -5.40
CA GLU B 42 -4.93 28.76 -6.47
C GLU B 42 -5.65 29.31 -7.70
N GLN B 43 -6.03 30.59 -7.66
CA GLN B 43 -6.83 31.28 -8.71
C GLN B 43 -6.08 31.26 -10.04
N SER B 44 -4.74 31.34 -9.97
CA SER B 44 -3.80 31.25 -11.13
C SER B 44 -2.58 30.43 -10.72
N PRO B 45 -1.99 29.63 -11.64
CA PRO B 45 -0.80 28.84 -11.35
C PRO B 45 0.19 29.49 -10.36
N ALA B 46 0.38 28.85 -9.20
CA ALA B 46 1.37 29.20 -8.15
C ALA B 46 0.97 30.50 -7.41
N HIS B 47 -0.25 31.01 -7.62
CA HIS B 47 -0.76 32.27 -7.01
C HIS B 47 -1.94 31.93 -6.08
N TRP B 48 -1.66 31.80 -4.78
CA TRP B 48 -2.61 31.38 -3.72
C TRP B 48 -3.24 32.62 -3.06
N SER B 49 -4.52 32.87 -3.32
CA SER B 49 -5.29 34.04 -2.81
C SER B 49 -6.19 33.60 -1.63
N GLY B 50 -6.24 34.40 -0.56
CA GLY B 50 -7.02 34.12 0.65
C GLY B 50 -7.12 35.31 1.59
N VAL B 51 -7.93 35.18 2.64
CA VAL B 51 -8.23 36.25 3.64
C VAL B 51 -7.43 35.98 4.93
N LEU B 52 -6.98 37.05 5.60
CA LEU B 52 -6.30 37.03 6.92
C LEU B 52 -6.63 38.32 7.67
N ALA B 53 -7.09 38.21 8.91
CA ALA B 53 -7.36 39.34 9.85
C ALA B 53 -8.05 40.49 9.12
N ASP B 54 -9.09 40.20 8.33
CA ASP B 54 -9.93 41.19 7.61
C ASP B 54 -9.13 41.87 6.49
N GLN B 55 -8.24 41.13 5.83
CA GLN B 55 -7.43 41.58 4.67
C GLN B 55 -7.25 40.42 3.69
N VAL B 56 -7.20 40.70 2.38
CA VAL B 56 -7.00 39.69 1.30
C VAL B 56 -5.52 39.68 0.91
N TRP B 57 -5.00 38.50 0.53
CA TRP B 57 -3.58 38.26 0.12
C TRP B 57 -3.55 37.42 -1.16
N THR B 58 -2.46 37.53 -1.92
CA THR B 58 -2.02 36.55 -2.96
C THR B 58 -0.55 36.22 -2.70
N LEU B 59 -0.18 34.94 -2.68
CA LEU B 59 1.20 34.47 -2.38
C LEU B 59 1.67 33.52 -3.49
N THR B 60 2.95 33.63 -3.86
CA THR B 60 3.73 32.62 -4.62
C THR B 60 5.07 32.42 -3.89
N GLN B 61 5.94 31.56 -4.42
CA GLN B 61 7.29 31.32 -3.83
C GLN B 61 8.25 30.84 -4.93
N THR B 62 9.51 31.29 -4.85
CA THR B 62 10.66 30.79 -5.65
C THR B 62 11.31 29.64 -4.86
N GLU B 63 12.50 29.19 -5.27
CA GLU B 63 13.25 28.10 -4.59
C GLU B 63 13.84 28.65 -3.27
N ASP B 64 14.08 29.96 -3.20
CA ASP B 64 14.82 30.63 -2.10
C ASP B 64 13.90 31.47 -1.22
N GLN B 65 12.82 32.05 -1.79
CA GLN B 65 11.99 33.09 -1.11
C GLN B 65 10.48 32.82 -1.26
N LEU B 66 9.71 33.37 -0.32
CA LEU B 66 8.21 33.41 -0.33
C LEU B 66 7.77 34.80 -0.79
N TYR B 67 7.06 34.88 -1.92
CA TYR B 67 6.56 36.15 -2.54
C TYR B 67 5.07 36.32 -2.20
N CYS B 68 4.68 37.54 -1.81
CA CYS B 68 3.29 37.88 -1.40
C CYS B 68 2.90 39.28 -1.90
N THR B 69 1.64 39.66 -1.71
CA THR B 69 1.05 40.96 -2.10
C THR B 69 -0.31 41.13 -1.40
N VAL B 70 -0.53 42.29 -0.76
CA VAL B 70 -1.73 42.58 0.07
C VAL B 70 -2.73 43.41 -0.75
N TYR B 71 -4.03 43.21 -0.51
CA TYR B 71 -5.16 44.04 -1.01
C TYR B 71 -5.87 44.64 0.21
N ARG B 72 -5.62 45.92 0.49
CA ARG B 72 -6.11 46.62 1.72
C ARG B 72 -7.62 46.90 1.60
N GLY B 73 -8.06 47.42 0.46
CA GLY B 73 -9.47 47.75 0.19
C GLY B 73 -9.81 49.17 0.59
N SER B 76 -7.48 52.84 0.90
CA SER B 76 -7.27 52.64 -0.57
C SER B 76 -6.16 53.58 -1.06
N GLN B 77 -4.91 53.08 -1.10
CA GLN B 77 -3.72 53.82 -1.60
C GLN B 77 -2.97 53.00 -2.65
N VAL B 78 -3.05 51.66 -2.60
CA VAL B 78 -2.40 50.70 -3.53
C VAL B 78 -0.88 50.78 -3.34
N SER B 79 -0.34 49.95 -2.44
CA SER B 79 1.12 49.84 -2.15
C SER B 79 1.48 48.36 -1.88
N ARG B 80 2.78 48.05 -1.90
CA ARG B 80 3.34 46.72 -1.56
C ARG B 80 3.08 46.42 -0.08
N PRO B 81 3.17 45.16 0.38
CA PRO B 81 2.98 44.82 1.79
C PRO B 81 3.92 45.59 2.73
N THR B 82 3.39 46.05 3.88
CA THR B 82 4.16 46.76 4.94
C THR B 82 4.89 45.72 5.79
N LEU B 83 5.87 46.17 6.58
CA LEU B 83 6.64 45.33 7.54
C LEU B 83 5.68 44.67 8.54
N GLU B 84 4.83 45.47 9.19
CA GLU B 84 3.82 45.02 10.20
C GLU B 84 2.98 43.88 9.60
N GLU B 85 2.62 43.99 8.31
CA GLU B 85 1.80 42.99 7.58
C GLU B 85 2.67 41.80 7.15
N LEU B 86 3.94 42.04 6.77
CA LEU B 86 4.92 40.97 6.44
C LEU B 86 5.27 40.19 7.71
N GLU B 87 5.20 40.83 8.88
CA GLU B 87 5.43 40.21 10.21
C GLU B 87 4.26 39.27 10.54
N THR B 88 3.03 39.65 10.16
CA THR B 88 1.78 38.87 10.35
C THR B 88 1.88 37.55 9.57
N LEU B 89 2.31 37.63 8.31
CA LEU B 89 2.45 36.47 7.39
C LEU B 89 3.50 35.49 7.94
N HIS B 90 4.55 36.01 8.59
CA HIS B 90 5.65 35.23 9.21
C HIS B 90 5.10 34.43 10.41
N LYS B 91 4.26 35.07 11.23
CA LYS B 91 3.64 34.47 12.44
C LYS B 91 2.65 33.37 12.04
N TYR B 92 1.87 33.61 10.97
CA TYR B 92 0.82 32.71 10.44
C TYR B 92 1.44 31.38 9.97
N PHE B 93 2.67 31.43 9.45
CA PHE B 93 3.42 30.26 8.91
C PHE B 93 4.42 29.72 9.94
N GLN B 94 4.51 30.34 11.12
CA GLN B 94 5.36 29.90 12.26
C GLN B 94 6.78 29.59 11.73
N LEU B 95 7.38 30.53 11.00
CA LEU B 95 8.68 30.33 10.28
C LEU B 95 9.85 30.34 11.26
N ASP B 96 9.63 30.70 12.54
CA ASP B 96 10.59 30.50 13.65
C ASP B 96 10.98 29.01 13.71
N VAL B 97 9.98 28.13 13.64
CA VAL B 97 10.11 26.65 13.82
C VAL B 97 10.92 26.09 12.64
N SER B 98 12.05 25.45 12.93
CA SER B 98 12.92 24.74 11.95
C SER B 98 12.30 23.39 11.60
N LEU B 99 11.84 23.23 10.36
CA LEU B 99 11.22 21.99 9.84
C LEU B 99 12.32 20.95 9.57
N ALA B 100 13.51 21.41 9.15
CA ALA B 100 14.72 20.59 8.92
C ALA B 100 15.01 19.73 10.16
N GLN B 101 14.99 20.35 11.35
CA GLN B 101 15.30 19.67 12.64
C GLN B 101 14.16 18.70 13.02
N LEU B 102 12.91 19.10 12.80
CA LEU B 102 11.71 18.27 13.13
C LEU B 102 11.71 17.02 12.24
N TYR B 103 11.84 17.20 10.91
CA TYR B 103 11.92 16.10 9.92
C TYR B 103 13.07 15.15 10.26
N SER B 104 14.22 15.71 10.64
CA SER B 104 15.46 14.97 11.02
C SER B 104 15.19 14.09 12.25
N HIS B 105 14.53 14.65 13.28
CA HIS B 105 14.21 13.96 14.56
C HIS B 105 13.19 12.83 14.31
N TRP B 106 12.09 13.14 13.60
CA TRP B 106 10.99 12.18 13.29
C TRP B 106 11.56 11.00 12.50
N ALA B 107 12.42 11.27 11.51
CA ALA B 107 13.07 10.27 10.63
C ALA B 107 13.93 9.31 11.46
N SER B 108 14.58 9.81 12.52
CA SER B 108 15.53 9.05 13.37
C SER B 108 14.78 8.09 14.30
N VAL B 109 13.52 8.37 14.62
CA VAL B 109 12.70 7.59 15.60
C VAL B 109 11.64 6.74 14.87
N ASP B 110 11.40 7.01 13.58
CA ASP B 110 10.29 6.39 12.80
C ASP B 110 10.77 6.09 11.37
N SER B 111 10.94 4.80 11.04
CA SER B 111 11.40 4.30 9.72
C SER B 111 10.35 4.62 8.65
N HIS B 112 9.06 4.46 8.96
CA HIS B 112 7.94 4.73 8.02
C HIS B 112 7.96 6.20 7.58
N PHE B 113 8.14 7.12 8.54
CA PHE B 113 8.19 8.58 8.29
C PHE B 113 9.31 8.90 7.29
N GLN B 114 10.51 8.33 7.51
CA GLN B 114 11.71 8.56 6.66
C GLN B 114 11.37 8.25 5.19
N ARG B 115 10.63 7.17 4.94
CA ARG B 115 10.21 6.71 3.59
C ARG B 115 9.24 7.75 2.98
N VAL B 116 8.22 8.14 3.74
CA VAL B 116 7.11 9.04 3.27
C VAL B 116 7.61 10.49 3.21
N ALA B 117 8.55 10.88 4.07
CA ALA B 117 9.03 12.27 4.28
C ALA B 117 9.65 12.84 3.00
N GLN B 118 10.57 12.09 2.38
CA GLN B 118 11.44 12.55 1.26
C GLN B 118 10.60 13.26 0.18
N LYS B 119 9.48 12.68 -0.23
CA LYS B 119 8.65 13.15 -1.37
C LYS B 119 7.68 14.26 -0.93
N PHE B 120 7.57 14.54 0.37
CA PHE B 120 6.66 15.57 0.94
C PHE B 120 7.43 16.47 1.90
N GLN B 121 8.19 17.41 1.33
CA GLN B 121 8.98 18.44 2.05
C GLN B 121 8.10 19.66 2.31
N GLY B 122 8.50 20.50 3.27
CA GLY B 122 7.90 21.83 3.51
C GLY B 122 6.45 21.76 3.94
N VAL B 123 6.07 20.75 4.73
CA VAL B 123 4.72 20.63 5.35
C VAL B 123 4.83 21.11 6.81
N ARG B 124 4.27 22.28 7.11
CA ARG B 124 4.25 22.91 8.45
C ARG B 124 2.79 23.24 8.82
N LEU B 125 2.55 23.56 10.09
CA LEU B 125 1.22 23.97 10.60
C LEU B 125 1.07 25.49 10.48
N LEU B 126 -0.12 25.94 10.06
CA LEU B 126 -0.51 27.38 10.11
C LEU B 126 -0.86 27.72 11.55
N ARG B 127 -0.67 28.98 11.94
CA ARG B 127 -1.11 29.54 13.25
C ARG B 127 -2.37 30.38 12.98
N GLN B 128 -3.53 29.75 13.09
CA GLN B 128 -4.84 30.32 12.65
C GLN B 128 -5.51 31.05 13.82
N ASP B 129 -6.38 32.03 13.50
CA ASP B 129 -7.28 32.71 14.45
C ASP B 129 -8.15 31.65 15.12
N PRO B 130 -8.16 31.55 16.48
CA PRO B 130 -8.99 30.56 17.18
C PRO B 130 -10.44 30.52 16.69
N THR B 131 -11.11 31.69 16.61
CA THR B 131 -12.51 31.85 16.16
C THR B 131 -12.70 31.14 14.81
N GLU B 132 -11.96 31.59 13.79
CA GLU B 132 -12.02 31.05 12.40
C GLU B 132 -11.83 29.53 12.42
N CYS B 133 -10.88 29.05 13.23
CA CYS B 133 -10.47 27.62 13.32
C CYS B 133 -11.61 26.78 13.91
N LEU B 134 -12.16 27.23 15.04
CA LEU B 134 -13.25 26.55 15.79
C LEU B 134 -14.41 26.24 14.84
N PHE B 135 -15.01 27.27 14.25
CA PHE B 135 -16.26 27.19 13.45
C PHE B 135 -15.99 26.53 12.09
N SER B 136 -14.75 26.63 11.58
CA SER B 136 -14.29 25.97 10.34
C SER B 136 -14.29 24.44 10.53
N PHE B 137 -13.97 23.96 11.73
CA PHE B 137 -13.79 22.52 12.05
C PHE B 137 -15.04 21.93 12.68
N ILE B 138 -16.01 22.76 13.08
CA ILE B 138 -17.40 22.32 13.37
C ILE B 138 -18.05 21.86 12.05
N CYS B 139 -17.65 22.49 10.94
CA CYS B 139 -18.10 22.17 9.56
C CYS B 139 -17.32 20.98 8.99
N SER B 140 -16.43 20.36 9.80
CA SER B 140 -15.51 19.26 9.40
C SER B 140 -16.25 17.91 9.44
N SER B 141 -17.21 17.77 10.36
CA SER B 141 -17.99 16.52 10.62
C SER B 141 -18.47 15.92 9.29
N ASN B 142 -18.01 14.70 8.97
CA ASN B 142 -18.47 13.88 7.82
C ASN B 142 -18.31 14.69 6.52
N ASN B 143 -17.07 15.07 6.17
CA ASN B 143 -16.77 15.96 5.02
C ASN B 143 -15.39 15.66 4.42
N ASN B 144 -15.21 16.05 3.16
CA ASN B 144 -13.89 16.22 2.48
C ASN B 144 -13.56 17.72 2.46
N ILE B 145 -12.39 18.09 1.97
CA ILE B 145 -11.90 19.50 1.94
C ILE B 145 -12.86 20.34 1.08
N ALA B 146 -13.16 19.87 -0.14
CA ALA B 146 -13.97 20.54 -1.17
C ALA B 146 -15.27 21.09 -0.56
N ARG B 147 -16.00 20.27 0.19
CA ARG B 147 -17.36 20.59 0.71
C ARG B 147 -17.26 21.52 1.92
N ILE B 148 -16.20 21.40 2.74
CA ILE B 148 -15.96 22.29 3.92
C ILE B 148 -15.66 23.71 3.40
N THR B 149 -14.80 23.82 2.39
CA THR B 149 -14.46 25.09 1.69
C THR B 149 -15.75 25.82 1.31
N GLY B 150 -16.64 25.11 0.59
CA GLY B 150 -17.96 25.63 0.18
C GLY B 150 -18.77 26.14 1.37
N MET B 151 -18.85 25.35 2.44
CA MET B 151 -19.64 25.66 3.66
C MET B 151 -19.10 26.92 4.34
N VAL B 152 -17.78 26.97 4.59
CA VAL B 152 -17.10 28.11 5.29
C VAL B 152 -17.16 29.35 4.39
N GLU B 153 -16.98 29.19 3.07
CA GLU B 153 -17.08 30.28 2.06
C GLU B 153 -18.47 30.93 2.16
N ARG B 154 -19.52 30.11 2.06
CA ARG B 154 -20.95 30.55 2.11
C ARG B 154 -21.26 31.16 3.49
N LEU B 155 -20.70 30.60 4.56
CA LEU B 155 -20.88 31.08 5.96
C LEU B 155 -20.31 32.50 6.07
N CYS B 156 -19.11 32.73 5.56
CA CYS B 156 -18.39 34.04 5.57
C CYS B 156 -19.13 35.06 4.71
N GLN B 157 -19.63 34.62 3.55
CA GLN B 157 -20.37 35.46 2.56
C GLN B 157 -21.66 36.01 3.19
N ALA B 158 -22.26 35.27 4.13
CA ALA B 158 -23.59 35.57 4.74
C ALA B 158 -23.44 36.46 5.97
N PHE B 159 -22.54 36.10 6.89
CA PHE B 159 -22.42 36.72 8.24
C PHE B 159 -21.16 37.61 8.34
N GLY B 160 -20.23 37.50 7.39
CA GLY B 160 -18.91 38.16 7.44
C GLY B 160 -18.91 39.54 6.77
N PRO B 161 -18.19 40.54 7.33
CA PRO B 161 -17.98 41.82 6.65
C PRO B 161 -17.38 41.68 5.24
N ARG B 162 -17.91 42.45 4.28
CA ARG B 162 -17.40 42.53 2.88
C ARG B 162 -16.12 43.37 2.88
N LEU B 163 -15.08 42.91 2.16
CA LEU B 163 -13.74 43.55 2.11
C LEU B 163 -13.48 44.11 0.71
N ILE B 164 -13.28 43.24 -0.29
CA ILE B 164 -12.96 43.61 -1.70
C ILE B 164 -13.58 42.57 -2.64
N GLN B 165 -13.75 42.93 -3.91
CA GLN B 165 -14.12 42.01 -5.02
C GLN B 165 -13.01 42.03 -6.07
N LEU B 166 -12.29 40.90 -6.24
CA LEU B 166 -11.29 40.70 -7.32
C LEU B 166 -11.87 39.69 -8.33
N ASP B 167 -12.24 40.17 -9.52
CA ASP B 167 -12.83 39.35 -10.62
C ASP B 167 -14.21 38.83 -10.17
N ASP B 168 -14.55 37.58 -10.49
CA ASP B 168 -15.83 36.93 -10.10
C ASP B 168 -15.84 36.64 -8.60
N VAL B 169 -14.67 36.53 -7.98
CA VAL B 169 -14.49 36.16 -6.54
C VAL B 169 -14.69 37.42 -5.68
N THR B 170 -15.50 37.32 -4.62
CA THR B 170 -15.77 38.39 -3.63
C THR B 170 -15.37 37.89 -2.24
N TYR B 171 -14.51 38.63 -1.54
CA TYR B 171 -13.84 38.21 -0.28
C TYR B 171 -14.52 38.86 0.93
N HIS B 172 -14.86 38.04 1.93
CA HIS B 172 -15.44 38.45 3.24
C HIS B 172 -14.48 38.05 4.36
N GLY B 173 -14.35 38.89 5.40
CA GLY B 173 -13.67 38.55 6.66
C GLY B 173 -14.48 37.54 7.44
N PHE B 174 -13.84 36.76 8.32
CA PHE B 174 -14.53 35.70 9.12
C PHE B 174 -15.39 36.38 10.19
N PRO B 175 -16.67 35.98 10.33
CA PRO B 175 -17.59 36.67 11.25
C PRO B 175 -17.18 36.52 12.73
N ASN B 176 -17.43 37.55 13.52
CA ASN B 176 -17.26 37.54 15.00
C ASN B 176 -18.39 36.73 15.63
N LEU B 177 -18.32 36.49 16.94
CA LEU B 177 -19.31 35.68 17.72
C LEU B 177 -20.67 36.38 17.71
N HIS B 178 -20.69 37.71 17.78
CA HIS B 178 -21.90 38.57 17.84
C HIS B 178 -22.80 38.30 16.62
N ALA B 179 -22.19 38.10 15.44
CA ALA B 179 -22.87 37.86 14.15
C ALA B 179 -23.43 36.42 14.12
N LEU B 180 -22.64 35.44 14.55
CA LEU B 180 -22.98 33.98 14.46
C LEU B 180 -23.96 33.58 15.57
N ALA B 181 -24.12 34.41 16.60
CA ALA B 181 -24.99 34.14 17.78
C ALA B 181 -26.39 34.73 17.56
N GLY B 182 -26.76 35.03 16.32
CA GLY B 182 -28.04 35.67 15.96
C GLY B 182 -29.17 34.64 15.80
N PRO B 183 -30.45 35.10 15.70
CA PRO B 183 -31.60 34.19 15.61
C PRO B 183 -31.73 33.47 14.26
N GLU B 184 -31.53 34.18 13.14
CA GLU B 184 -31.72 33.66 11.76
C GLU B 184 -30.48 32.87 11.31
N ALA B 185 -29.49 32.68 12.21
CA ALA B 185 -28.20 32.00 11.93
C ALA B 185 -28.45 30.60 11.34
N GLU B 186 -29.03 29.70 12.15
CA GLU B 186 -29.21 28.26 11.82
C GLU B 186 -30.01 28.12 10.51
N THR B 187 -31.14 28.83 10.40
CA THR B 187 -32.07 28.76 9.24
C THR B 187 -31.33 29.19 7.96
N HIS B 188 -30.59 30.30 8.02
CA HIS B 188 -29.73 30.81 6.92
C HIS B 188 -28.65 29.75 6.60
N LEU B 189 -27.96 29.26 7.64
CA LEU B 189 -26.86 28.25 7.52
C LEU B 189 -27.43 26.92 7.00
N ARG B 190 -28.65 26.54 7.42
CA ARG B 190 -29.36 25.33 6.92
C ARG B 190 -29.76 25.54 5.46
N LYS B 191 -30.09 26.79 5.08
CA LYS B 191 -30.40 27.20 3.68
C LYS B 191 -29.14 27.09 2.83
N LEU B 192 -27.96 27.30 3.43
CA LEU B 192 -26.63 27.23 2.77
C LEU B 192 -26.10 25.78 2.77
N GLY B 193 -26.80 24.86 3.45
CA GLY B 193 -26.59 23.40 3.33
C GLY B 193 -25.51 22.88 4.25
N LEU B 194 -25.46 23.38 5.50
CA LEU B 194 -24.54 22.90 6.56
C LEU B 194 -25.16 21.70 7.29
N GLY B 195 -26.50 21.59 7.29
CA GLY B 195 -27.24 20.54 7.98
C GLY B 195 -27.19 20.72 9.49
N TYR B 196 -26.85 19.66 10.23
CA TYR B 196 -26.76 19.62 11.72
C TYR B 196 -25.65 20.56 12.22
N ARG B 197 -24.58 20.71 11.42
CA ARG B 197 -23.39 21.56 11.74
C ARG B 197 -23.87 22.97 12.08
N ALA B 198 -24.82 23.50 11.29
CA ALA B 198 -25.43 24.85 11.45
C ALA B 198 -25.92 25.04 12.89
N ARG B 199 -26.50 23.99 13.50
CA ARG B 199 -27.00 24.00 14.90
C ARG B 199 -25.85 24.29 15.86
N TYR B 200 -24.74 23.56 15.73
CA TYR B 200 -23.55 23.61 16.63
C TYR B 200 -22.86 24.98 16.52
N VAL B 201 -22.82 25.55 15.31
CA VAL B 201 -22.19 26.88 15.03
C VAL B 201 -22.86 27.93 15.91
N ARG B 202 -24.18 28.12 15.76
CA ARG B 202 -24.99 29.12 16.51
C ARG B 202 -24.87 28.87 18.01
N ALA B 203 -24.92 27.59 18.42
CA ALA B 203 -24.90 27.14 19.84
C ALA B 203 -23.59 27.54 20.50
N SER B 204 -22.45 27.14 19.90
CA SER B 204 -21.08 27.46 20.39
C SER B 204 -20.85 28.97 20.39
N ALA B 205 -21.22 29.64 19.30
CA ALA B 205 -21.16 31.11 19.14
C ALA B 205 -21.92 31.78 20.29
N LYS B 206 -23.13 31.31 20.57
CA LYS B 206 -24.00 31.80 21.67
C LYS B 206 -23.38 31.47 23.03
N ALA B 207 -22.81 30.27 23.17
CA ALA B 207 -22.22 29.74 24.43
C ALA B 207 -21.01 30.58 24.85
N ILE B 208 -20.05 30.78 23.94
CA ILE B 208 -18.76 31.48 24.19
C ILE B 208 -19.02 32.90 24.69
N LEU B 209 -20.00 33.60 24.10
CA LEU B 209 -20.39 34.99 24.47
C LEU B 209 -20.89 35.02 25.91
N GLU B 210 -22.00 34.33 26.19
CA GLU B 210 -22.78 34.44 27.46
C GLU B 210 -22.03 33.78 28.60
N GLU B 211 -21.80 32.47 28.52
CA GLU B 211 -21.29 31.61 29.62
C GLU B 211 -19.82 31.95 29.93
N GLN B 212 -18.96 31.95 28.91
CA GLN B 212 -17.48 32.03 29.05
C GLN B 212 -17.03 33.50 29.15
N GLY B 213 -17.74 34.41 28.47
CA GLY B 213 -17.57 35.87 28.63
C GLY B 213 -16.59 36.45 27.63
N GLY B 214 -16.93 36.44 26.34
CA GLY B 214 -16.24 37.19 25.27
C GLY B 214 -15.21 36.33 24.52
N PRO B 215 -14.58 36.88 23.46
CA PRO B 215 -13.62 36.13 22.65
C PRO B 215 -12.22 36.03 23.27
N ALA B 216 -11.95 36.79 24.34
CA ALA B 216 -10.70 36.74 25.13
C ALA B 216 -10.53 35.37 25.79
N TRP B 217 -11.63 34.62 25.92
CA TRP B 217 -11.67 33.21 26.43
C TRP B 217 -10.80 32.31 25.54
N LEU B 218 -10.94 32.42 24.22
CA LEU B 218 -10.17 31.62 23.22
C LEU B 218 -8.69 32.01 23.26
N GLN B 219 -8.40 33.30 23.46
CA GLN B 219 -7.01 33.83 23.65
C GLN B 219 -6.47 33.33 24.99
N GLN B 220 -7.35 33.15 25.99
CA GLN B 220 -7.02 32.58 27.33
C GLN B 220 -6.56 31.12 27.14
N LEU B 221 -7.18 30.37 26.23
CA LEU B 221 -6.90 28.93 25.99
C LEU B 221 -5.59 28.75 25.22
N ARG B 222 -5.22 29.71 24.36
CA ARG B 222 -3.96 29.72 23.58
C ARG B 222 -2.75 29.62 24.52
N VAL B 223 -2.80 30.32 25.66
CA VAL B 223 -1.71 30.40 26.66
C VAL B 223 -1.92 29.35 27.77
N ALA B 224 -3.16 28.89 27.96
CA ALA B 224 -3.52 27.81 28.93
C ALA B 224 -2.81 26.52 28.56
N PRO B 225 -2.57 25.60 29.53
CA PRO B 225 -1.97 24.29 29.22
C PRO B 225 -2.90 23.44 28.33
N TYR B 226 -2.32 22.42 27.67
CA TYR B 226 -2.96 21.60 26.62
C TYR B 226 -4.20 20.88 27.17
N GLU B 227 -4.05 20.15 28.29
CA GLU B 227 -5.13 19.32 28.90
C GLU B 227 -6.32 20.21 29.25
N GLU B 228 -6.06 21.39 29.82
CA GLU B 228 -7.09 22.38 30.24
C GLU B 228 -7.83 22.92 29.01
N ALA B 229 -7.07 23.28 27.96
CA ALA B 229 -7.59 23.86 26.70
C ALA B 229 -8.52 22.86 26.00
N HIS B 230 -8.07 21.61 25.86
CA HIS B 230 -8.83 20.49 25.23
C HIS B 230 -10.14 20.25 25.99
N LYS B 231 -10.07 20.27 27.33
CA LYS B 231 -11.22 20.10 28.25
C LYS B 231 -12.22 21.25 28.03
N ALA B 232 -11.73 22.49 28.04
CA ALA B 232 -12.53 23.73 27.88
C ALA B 232 -13.28 23.73 26.54
N LEU B 233 -12.61 23.34 25.46
CA LEU B 233 -13.18 23.33 24.08
C LEU B 233 -14.27 22.25 23.97
N CYS B 234 -14.10 21.13 24.68
CA CYS B 234 -15.02 19.95 24.63
C CYS B 234 -16.35 20.27 25.31
N THR B 235 -16.42 21.33 26.12
CA THR B 235 -17.64 21.81 26.83
C THR B 235 -18.58 22.52 25.84
N LEU B 236 -18.11 22.81 24.63
CA LEU B 236 -18.89 23.52 23.56
C LEU B 236 -19.70 22.51 22.76
N PRO B 237 -20.93 22.89 22.32
CA PRO B 237 -21.69 22.08 21.36
C PRO B 237 -20.93 21.78 20.06
N GLY B 238 -21.00 20.53 19.59
CA GLY B 238 -20.43 20.08 18.31
C GLY B 238 -18.91 19.92 18.34
N VAL B 239 -18.30 20.04 19.53
CA VAL B 239 -16.83 19.97 19.73
C VAL B 239 -16.52 18.72 20.59
N GLY B 240 -16.08 17.64 19.94
CA GLY B 240 -15.59 16.41 20.59
C GLY B 240 -14.08 16.43 20.76
N ALA B 241 -13.48 15.26 21.01
CA ALA B 241 -12.02 15.07 21.20
C ALA B 241 -11.27 15.52 19.93
N LYS B 242 -11.75 15.10 18.76
CA LYS B 242 -11.08 15.33 17.44
C LYS B 242 -10.99 16.83 17.16
N VAL B 243 -12.13 17.53 17.15
CA VAL B 243 -12.24 18.98 16.80
C VAL B 243 -11.42 19.81 17.78
N ALA B 244 -11.49 19.47 19.07
CA ALA B 244 -10.73 20.13 20.17
C ALA B 244 -9.22 20.03 19.89
N ASP B 245 -8.77 18.86 19.45
CA ASP B 245 -7.34 18.56 19.13
C ASP B 245 -6.93 19.37 17.88
N CYS B 246 -7.81 19.45 16.88
CA CYS B 246 -7.60 20.23 15.62
C CYS B 246 -7.38 21.70 15.96
N ILE B 247 -8.24 22.28 16.79
CA ILE B 247 -8.21 23.71 17.22
C ILE B 247 -6.96 23.93 18.09
N CYS B 248 -6.70 23.01 19.02
CA CYS B 248 -5.53 23.03 19.94
C CYS B 248 -4.23 23.08 19.13
N LEU B 249 -4.13 22.26 18.09
CA LEU B 249 -2.91 22.09 17.25
C LEU B 249 -2.71 23.33 16.36
N MET B 250 -3.79 23.83 15.76
CA MET B 250 -3.75 24.73 14.58
C MET B 250 -3.97 26.20 14.98
N ALA B 251 -4.39 26.48 16.21
CA ALA B 251 -4.78 27.84 16.67
C ALA B 251 -4.26 28.16 18.08
N LEU B 252 -4.26 27.19 19.01
CA LEU B 252 -3.94 27.43 20.45
C LEU B 252 -2.52 26.97 20.79
N ASP B 253 -1.64 26.88 19.79
CA ASP B 253 -0.17 26.62 19.96
C ASP B 253 0.05 25.40 20.87
N LYS B 254 -0.58 24.27 20.54
CA LYS B 254 -0.34 22.95 21.17
C LYS B 254 0.20 21.99 20.11
N PRO B 255 1.51 22.02 19.78
CA PRO B 255 2.08 21.16 18.75
C PRO B 255 1.99 19.65 19.03
N GLN B 256 1.69 19.27 20.28
CA GLN B 256 1.64 17.86 20.74
C GLN B 256 0.25 17.26 20.51
N ALA B 257 -0.74 18.09 20.18
CA ALA B 257 -2.15 17.67 19.93
C ALA B 257 -2.21 16.82 18.66
N VAL B 258 -2.72 15.59 18.78
CA VAL B 258 -2.91 14.61 17.68
C VAL B 258 -4.42 14.40 17.49
N PRO B 259 -5.07 15.11 16.53
CA PRO B 259 -6.49 14.86 16.23
C PRO B 259 -6.72 13.46 15.68
N VAL B 260 -7.44 12.62 16.44
CA VAL B 260 -7.68 11.18 16.13
C VAL B 260 -9.10 11.00 15.58
N ASP B 261 -9.20 10.51 14.34
CA ASP B 261 -10.45 10.02 13.71
C ASP B 261 -10.09 8.81 12.84
N VAL B 262 -10.98 8.40 11.92
CA VAL B 262 -10.81 7.21 11.03
C VAL B 262 -9.50 7.33 10.24
N HIS B 263 -9.09 8.55 9.90
CA HIS B 263 -7.90 8.84 9.04
C HIS B 263 -6.62 8.34 9.72
N VAL B 264 -6.32 8.79 10.94
CA VAL B 264 -5.07 8.43 11.67
C VAL B 264 -5.19 6.99 12.17
N TRP B 265 -6.40 6.57 12.60
CA TRP B 265 -6.73 5.17 12.96
C TRP B 265 -6.29 4.23 11.84
N GLN B 266 -6.64 4.58 10.60
CA GLN B 266 -6.31 3.82 9.36
C GLN B 266 -4.79 3.71 9.23
N ILE B 267 -4.09 4.84 9.20
CA ILE B 267 -2.60 4.94 9.07
C ILE B 267 -1.94 4.13 10.20
N ALA B 268 -2.35 4.38 11.45
CA ALA B 268 -1.77 3.76 12.67
C ALA B 268 -1.78 2.24 12.56
N HIS B 269 -2.93 1.66 12.21
CA HIS B 269 -3.13 0.18 12.12
C HIS B 269 -2.29 -0.39 10.96
N ARG B 270 -2.43 0.19 9.76
CA ARG B 270 -1.77 -0.30 8.52
C ARG B 270 -0.24 -0.15 8.63
N ASP B 271 0.23 1.06 8.94
CA ASP B 271 1.65 1.47 8.77
C ASP B 271 2.47 1.24 10.04
N TYR B 272 1.84 1.11 11.21
CA TYR B 272 2.54 0.93 12.52
C TYR B 272 2.10 -0.37 13.21
N GLY B 273 1.16 -1.12 12.64
CA GLY B 273 0.67 -2.40 13.19
C GLY B 273 0.07 -2.23 14.58
N TRP B 274 -0.59 -1.09 14.82
CA TRP B 274 -1.09 -0.68 16.15
C TRP B 274 -2.54 -1.16 16.34
N HIS B 275 -2.82 -1.80 17.48
CA HIS B 275 -4.18 -2.12 17.98
C HIS B 275 -4.33 -1.55 19.39
N PRO B 276 -5.57 -1.21 19.83
CA PRO B 276 -5.78 -0.71 21.19
C PRO B 276 -5.65 -1.83 22.24
N LYS B 277 -5.15 -1.49 23.43
CA LYS B 277 -4.93 -2.43 24.56
C LYS B 277 -6.29 -2.86 25.14
N GLY B 283 -11.94 -1.69 17.68
CA GLY B 283 -12.68 -0.62 16.99
C GLY B 283 -12.59 0.70 17.75
N PRO B 284 -12.72 1.87 17.06
CA PRO B 284 -12.68 3.18 17.72
C PRO B 284 -13.61 3.34 18.93
N SER B 285 -13.15 4.09 19.93
CA SER B 285 -13.89 4.46 21.17
C SER B 285 -13.19 5.63 21.84
N PRO B 286 -13.87 6.41 22.72
CA PRO B 286 -13.27 7.60 23.32
C PRO B 286 -11.89 7.35 23.96
N LEU B 287 -11.74 6.21 24.64
CA LEU B 287 -10.50 5.82 25.38
C LEU B 287 -9.44 5.35 24.40
N ALA B 288 -9.83 4.52 23.42
CA ALA B 288 -8.96 3.98 22.35
C ALA B 288 -8.37 5.12 21.52
N ASN B 289 -9.18 6.15 21.24
CA ASN B 289 -8.76 7.37 20.49
C ASN B 289 -7.68 8.10 21.30
N LYS B 290 -7.96 8.36 22.59
CA LYS B 290 -7.03 9.02 23.54
C LYS B 290 -5.70 8.26 23.57
N GLU B 291 -5.77 6.93 23.61
CA GLU B 291 -4.59 6.01 23.64
C GLU B 291 -3.77 6.18 22.35
N LEU B 292 -4.43 6.34 21.21
CA LEU B 292 -3.75 6.49 19.88
C LEU B 292 -3.01 7.84 19.82
N GLY B 293 -3.63 8.90 20.36
CA GLY B 293 -3.00 10.22 20.52
C GLY B 293 -1.73 10.13 21.36
N ASN B 294 -1.79 9.42 22.49
CA ASN B 294 -0.64 9.20 23.42
C ASN B 294 0.47 8.42 22.69
N PHE B 295 0.09 7.41 21.91
CA PHE B 295 1.02 6.52 21.15
C PHE B 295 1.92 7.38 20.24
N PHE B 296 1.32 8.33 19.52
CA PHE B 296 2.01 9.17 18.49
C PHE B 296 2.86 10.24 19.18
N ARG B 297 2.41 10.78 20.32
CA ARG B 297 3.19 11.70 21.18
C ARG B 297 4.44 10.97 21.70
N ASN B 298 4.27 9.73 22.15
CA ASN B 298 5.37 8.87 22.67
C ASN B 298 6.38 8.60 21.54
N LEU B 299 5.90 8.44 20.30
CA LEU B 299 6.74 8.10 19.12
C LEU B 299 7.47 9.36 18.63
N TRP B 300 6.74 10.43 18.34
CA TRP B 300 7.22 11.63 17.62
C TRP B 300 7.73 12.71 18.58
N GLY B 301 7.16 12.80 19.78
CA GLY B 301 7.57 13.78 20.82
C GLY B 301 6.66 15.00 20.84
N PRO B 302 7.18 16.20 21.21
CA PRO B 302 6.34 17.36 21.51
C PRO B 302 5.68 18.05 20.31
N TYR B 303 6.13 17.75 19.09
CA TYR B 303 5.55 18.28 17.82
C TYR B 303 4.88 17.13 17.05
N ALA B 304 4.20 16.23 17.77
CA ALA B 304 3.53 15.02 17.23
C ALA B 304 2.47 15.42 16.19
N GLY B 305 1.70 16.47 16.47
CA GLY B 305 0.67 17.03 15.56
C GLY B 305 1.26 17.46 14.23
N TRP B 306 2.45 18.07 14.26
CA TRP B 306 3.18 18.55 13.05
C TRP B 306 3.57 17.35 12.18
N ALA B 307 4.05 16.27 12.80
CA ALA B 307 4.46 15.01 12.13
C ALA B 307 3.25 14.36 11.45
N GLN B 308 2.09 14.36 12.13
CA GLN B 308 0.81 13.81 11.61
C GLN B 308 0.43 14.53 10.32
N ALA B 309 0.56 15.86 10.29
CA ALA B 309 0.20 16.74 9.15
C ALA B 309 1.01 16.34 7.90
N VAL B 310 2.24 15.85 8.09
CA VAL B 310 3.15 15.40 6.99
C VAL B 310 2.55 14.13 6.37
N LEU B 311 2.12 13.18 7.20
CA LEU B 311 1.51 11.89 6.77
C LEU B 311 0.15 12.16 6.10
N PHE B 312 -0.62 13.10 6.64
CA PHE B 312 -1.95 13.54 6.11
C PHE B 312 -1.76 14.07 4.68
N SER B 313 -0.78 14.96 4.47
CA SER B 313 -0.45 15.59 3.16
C SER B 313 0.00 14.52 2.16
N ALA B 314 0.62 13.44 2.64
CA ALA B 314 1.09 12.29 1.82
C ALA B 314 -0.11 11.42 1.40
N ASP B 315 -1.15 11.33 2.23
CA ASP B 315 -2.39 10.55 1.95
C ASP B 315 -3.32 11.34 1.01
N LEU B 316 -3.06 12.65 0.82
CA LEU B 316 -3.77 13.52 -0.15
C LEU B 316 -2.92 13.65 -1.42
N ARG B 317 -2.64 12.50 -2.07
CA ARG B 317 -1.86 12.42 -3.33
C ARG B 317 -1.82 10.96 -3.81
N GLY C 1 56.03 -1.92 -6.23
CA GLY C 1 55.32 -2.33 -7.48
C GLY C 1 54.41 -1.24 -8.00
N SER C 2 53.75 -1.48 -9.13
CA SER C 2 52.82 -0.53 -9.81
C SER C 2 51.56 -0.33 -8.95
N HIS C 3 50.94 0.84 -9.07
CA HIS C 3 49.60 1.16 -8.50
C HIS C 3 48.55 0.30 -9.19
N MET C 4 47.88 -0.58 -8.43
CA MET C 4 46.81 -1.48 -8.94
C MET C 4 45.45 -0.77 -8.78
N ARG C 5 44.65 -0.77 -9.84
CA ARG C 5 43.31 -0.12 -9.88
C ARG C 5 42.21 -1.19 -9.90
N HIS C 6 40.97 -0.81 -9.56
CA HIS C 6 39.77 -1.69 -9.64
C HIS C 6 39.51 -2.03 -11.10
N ARG C 7 39.40 -3.33 -11.42
CA ARG C 7 39.27 -3.86 -12.81
C ARG C 7 37.82 -3.76 -13.27
N THR C 8 37.60 -3.89 -14.58
CA THR C 8 36.28 -4.03 -15.26
C THR C 8 36.36 -5.13 -16.31
N LEU C 9 35.21 -5.65 -16.77
CA LEU C 9 35.11 -6.77 -17.75
C LEU C 9 35.84 -6.41 -19.05
N SER C 10 35.64 -5.16 -19.51
CA SER C 10 36.21 -4.62 -20.77
C SER C 10 37.70 -4.32 -20.60
N SER C 11 38.09 -3.75 -19.45
CA SER C 11 39.45 -3.21 -19.17
C SER C 11 40.51 -4.31 -19.22
N SER C 12 40.25 -5.47 -18.61
CA SER C 12 41.26 -6.52 -18.32
C SER C 12 40.73 -7.91 -18.64
N PRO C 13 40.19 -8.16 -19.87
CA PRO C 13 39.40 -9.37 -20.13
C PRO C 13 40.13 -10.70 -19.88
N ALA C 14 41.46 -10.70 -20.00
CA ALA C 14 42.34 -11.89 -19.82
C ALA C 14 42.17 -12.47 -18.41
N LEU C 15 42.03 -11.61 -17.39
CA LEU C 15 42.06 -11.98 -15.95
C LEU C 15 40.67 -12.37 -15.45
N TRP C 16 39.63 -12.28 -16.30
CA TRP C 16 38.22 -12.62 -15.94
C TRP C 16 37.87 -14.04 -16.42
N ALA C 17 37.38 -14.87 -15.50
CA ALA C 17 36.70 -16.17 -15.78
C ALA C 17 35.19 -15.95 -15.73
N SER C 18 34.40 -16.94 -16.16
CA SER C 18 32.92 -16.86 -16.24
C SER C 18 32.27 -18.15 -15.71
N ILE C 19 31.34 -18.01 -14.77
CA ILE C 19 30.38 -19.08 -14.35
C ILE C 19 29.09 -18.87 -15.13
N PRO C 20 28.54 -19.92 -15.79
CA PRO C 20 27.27 -19.80 -16.49
C PRO C 20 26.11 -19.66 -15.50
N CYS C 21 25.58 -18.44 -15.33
CA CYS C 21 24.57 -18.06 -14.32
C CYS C 21 23.67 -16.94 -14.87
N PRO C 22 22.39 -17.21 -15.19
CA PRO C 22 21.48 -16.18 -15.67
C PRO C 22 21.16 -15.12 -14.61
N ARG C 23 20.72 -13.93 -15.04
CA ARG C 23 20.38 -12.79 -14.15
C ARG C 23 19.11 -13.12 -13.33
N SER C 24 18.28 -14.02 -13.84
CA SER C 24 17.02 -14.50 -13.17
C SER C 24 17.37 -15.39 -11.96
N GLU C 25 18.53 -16.05 -11.98
CA GLU C 25 19.00 -16.96 -10.90
C GLU C 25 19.76 -16.16 -9.82
N LEU C 26 20.35 -15.03 -10.19
CA LEU C 26 21.15 -14.17 -9.26
C LEU C 26 21.25 -12.75 -9.83
N ARG C 27 20.85 -11.74 -9.03
CA ARG C 27 21.03 -10.29 -9.32
C ARG C 27 21.95 -9.69 -8.26
N LEU C 28 23.23 -9.48 -8.60
CA LEU C 28 24.31 -9.00 -7.70
C LEU C 28 23.84 -7.74 -6.96
N ASP C 29 23.17 -6.81 -7.66
CA ASP C 29 22.79 -5.47 -7.15
C ASP C 29 21.70 -5.59 -6.06
N LEU C 30 21.02 -6.73 -5.95
CA LEU C 30 19.97 -6.98 -4.93
C LEU C 30 20.51 -7.87 -3.80
N VAL C 31 21.48 -8.74 -4.07
CA VAL C 31 21.98 -9.78 -3.12
C VAL C 31 23.09 -9.19 -2.23
N LEU C 32 23.91 -8.29 -2.77
CA LEU C 32 25.13 -7.75 -2.09
C LEU C 32 24.83 -6.39 -1.43
N ALA C 33 23.61 -5.87 -1.56
CA ALA C 33 23.16 -4.58 -0.99
C ALA C 33 21.99 -4.78 -0.01
N SER C 34 21.42 -5.99 0.08
CA SER C 34 20.19 -6.31 0.87
C SER C 34 20.55 -6.66 2.32
N GLY C 35 21.80 -6.43 2.74
CA GLY C 35 22.22 -6.52 4.15
C GLY C 35 22.35 -7.96 4.64
N GLN C 36 22.87 -8.86 3.80
CA GLN C 36 23.32 -10.22 4.21
C GLN C 36 24.78 -10.12 4.68
N SER C 37 25.67 -9.69 3.77
CA SER C 37 27.07 -9.30 4.04
C SER C 37 27.22 -7.80 3.77
N PHE C 38 28.18 -7.16 4.45
CA PHE C 38 28.38 -5.68 4.44
C PHE C 38 29.78 -5.35 3.92
N ARG C 39 30.36 -6.24 3.12
CA ARG C 39 31.78 -6.20 2.66
C ARG C 39 31.88 -5.67 1.23
N TRP C 40 30.82 -5.83 0.43
CA TRP C 40 30.81 -5.50 -1.03
C TRP C 40 30.41 -4.03 -1.26
N LYS C 41 31.15 -3.35 -2.13
CA LYS C 41 30.84 -1.98 -2.65
C LYS C 41 30.87 -2.00 -4.18
N GLU C 42 30.04 -1.18 -4.82
CA GLU C 42 30.04 -0.94 -6.28
C GLU C 42 31.05 0.19 -6.59
N GLN C 43 32.32 -0.18 -6.81
CA GLN C 43 33.45 0.77 -6.99
C GLN C 43 33.34 1.46 -8.35
N SER C 44 32.96 0.72 -9.39
CA SER C 44 32.60 1.24 -10.74
C SER C 44 31.27 0.62 -11.18
N PRO C 45 30.47 1.31 -12.03
CA PRO C 45 29.13 0.83 -12.38
C PRO C 45 29.07 -0.64 -12.82
N ALA C 46 28.20 -1.42 -12.16
CA ALA C 46 27.91 -2.85 -12.44
C ALA C 46 29.12 -3.74 -12.12
N HIS C 47 30.01 -3.28 -11.23
CA HIS C 47 31.21 -4.03 -10.76
C HIS C 47 31.28 -3.97 -9.23
N TRP C 48 31.16 -5.11 -8.55
CA TRP C 48 31.13 -5.22 -7.07
C TRP C 48 32.44 -5.82 -6.56
N SER C 49 33.21 -5.04 -5.79
CA SER C 49 34.53 -5.42 -5.23
C SER C 49 34.41 -5.62 -3.72
N GLY C 50 34.94 -6.73 -3.20
CA GLY C 50 34.90 -7.07 -1.76
C GLY C 50 35.77 -8.27 -1.44
N VAL C 51 35.92 -8.58 -0.14
CA VAL C 51 36.78 -9.69 0.39
C VAL C 51 35.91 -10.93 0.58
N LEU C 52 36.38 -12.08 0.04
CA LEU C 52 35.80 -13.42 0.28
C LEU C 52 36.95 -14.37 0.67
N ALA C 53 37.10 -14.63 1.98
CA ALA C 53 38.09 -15.55 2.59
C ALA C 53 39.52 -15.13 2.24
N ASP C 54 40.01 -14.06 2.87
CA ASP C 54 41.39 -13.53 2.75
C ASP C 54 41.79 -13.44 1.26
N GLN C 55 40.91 -12.84 0.44
CA GLN C 55 41.11 -12.65 -1.03
C GLN C 55 40.07 -11.65 -1.54
N VAL C 56 40.52 -10.57 -2.19
CA VAL C 56 39.64 -9.54 -2.82
C VAL C 56 39.17 -10.08 -4.18
N TRP C 57 37.86 -10.08 -4.41
CA TRP C 57 37.21 -10.41 -5.71
C TRP C 57 36.54 -9.15 -6.28
N THR C 58 36.27 -9.14 -7.58
CA THR C 58 35.39 -8.15 -8.25
C THR C 58 34.44 -8.90 -9.20
N LEU C 59 33.13 -8.67 -9.04
CA LEU C 59 32.04 -9.43 -9.71
C LEU C 59 31.26 -8.52 -10.65
N THR C 60 30.86 -9.05 -11.80
CA THR C 60 29.92 -8.42 -12.78
C THR C 60 29.16 -9.53 -13.52
N GLN C 61 28.15 -9.18 -14.30
CA GLN C 61 27.27 -10.17 -14.98
C GLN C 61 26.64 -9.55 -16.24
N THR C 62 26.33 -10.41 -17.22
CA THR C 62 25.42 -10.14 -18.37
C THR C 62 24.11 -10.88 -18.11
N GLU C 63 23.31 -11.15 -19.15
CA GLU C 63 21.99 -11.84 -19.04
C GLU C 63 22.20 -13.34 -18.74
N ASP C 64 23.35 -13.90 -19.12
CA ASP C 64 23.61 -15.37 -19.11
C ASP C 64 24.80 -15.73 -18.22
N GLN C 65 25.77 -14.83 -18.01
CA GLN C 65 27.10 -15.15 -17.42
C GLN C 65 27.35 -14.34 -16.15
N LEU C 66 28.04 -14.96 -15.18
CA LEU C 66 28.63 -14.29 -13.97
C LEU C 66 30.14 -14.20 -14.16
N TYR C 67 30.64 -13.02 -14.55
CA TYR C 67 32.08 -12.74 -14.78
C TYR C 67 32.73 -12.27 -13.47
N CYS C 68 33.77 -12.98 -13.02
CA CYS C 68 34.49 -12.75 -11.75
C CYS C 68 36.00 -12.66 -12.00
N THR C 69 36.68 -11.73 -11.32
CA THR C 69 38.16 -11.59 -11.30
C THR C 69 38.65 -11.69 -9.85
N VAL C 70 39.91 -12.11 -9.66
CA VAL C 70 40.56 -12.28 -8.33
C VAL C 70 41.86 -11.45 -8.31
N TYR C 71 42.14 -10.81 -7.18
CA TYR C 71 43.35 -9.99 -6.92
C TYR C 71 44.27 -10.75 -5.97
N ARG C 72 45.53 -10.93 -6.36
CA ARG C 72 46.54 -11.78 -5.65
C ARG C 72 47.65 -10.88 -5.10
N VAL C 78 49.66 -12.33 -12.03
CA VAL C 78 48.22 -11.98 -12.28
C VAL C 78 47.68 -12.91 -13.37
N SER C 79 46.56 -13.59 -13.10
CA SER C 79 45.93 -14.60 -13.99
C SER C 79 44.45 -14.80 -13.62
N ARG C 80 43.76 -15.70 -14.33
CA ARG C 80 42.33 -16.04 -14.10
C ARG C 80 42.16 -16.73 -12.75
N PRO C 81 40.93 -16.75 -12.19
CA PRO C 81 40.60 -17.66 -11.09
C PRO C 81 40.74 -19.13 -11.51
N THR C 82 41.16 -20.00 -10.58
CA THR C 82 41.34 -21.46 -10.79
C THR C 82 39.96 -22.14 -10.76
N LEU C 83 39.94 -23.47 -10.91
CA LEU C 83 38.72 -24.31 -10.78
C LEU C 83 38.34 -24.44 -9.30
N GLU C 84 39.31 -24.29 -8.39
CA GLU C 84 39.13 -24.37 -6.92
C GLU C 84 38.60 -23.03 -6.38
N GLU C 85 38.81 -21.93 -7.13
CA GLU C 85 38.37 -20.56 -6.79
C GLU C 85 36.98 -20.31 -7.39
N LEU C 86 36.72 -20.84 -8.58
CA LEU C 86 35.39 -20.80 -9.25
C LEU C 86 34.40 -21.68 -8.47
N GLU C 87 34.89 -22.70 -7.78
CA GLU C 87 34.09 -23.61 -6.91
C GLU C 87 33.71 -22.87 -5.62
N THR C 88 34.61 -22.04 -5.08
CA THR C 88 34.42 -21.22 -3.86
C THR C 88 33.25 -20.24 -4.08
N LEU C 89 33.12 -19.71 -5.30
CA LEU C 89 32.10 -18.69 -5.67
C LEU C 89 30.75 -19.37 -5.94
N HIS C 90 30.78 -20.54 -6.59
CA HIS C 90 29.58 -21.36 -6.90
C HIS C 90 28.95 -21.85 -5.58
N LYS C 91 29.77 -22.06 -4.55
CA LYS C 91 29.33 -22.45 -3.18
C LYS C 91 28.82 -21.21 -2.44
N TYR C 92 29.51 -20.07 -2.58
CA TYR C 92 29.20 -18.78 -1.90
C TYR C 92 27.81 -18.28 -2.30
N PHE C 93 27.45 -18.41 -3.58
CA PHE C 93 26.15 -17.95 -4.15
C PHE C 93 25.14 -19.11 -4.17
N GLN C 94 25.55 -20.32 -3.77
CA GLN C 94 24.68 -21.52 -3.66
C GLN C 94 23.88 -21.68 -4.96
N LEU C 95 24.58 -21.68 -6.11
CA LEU C 95 23.96 -21.62 -7.46
C LEU C 95 23.40 -22.99 -7.85
N ASP C 96 23.66 -24.03 -7.06
CA ASP C 96 23.04 -25.38 -7.22
C ASP C 96 21.51 -25.26 -7.00
N VAL C 97 21.09 -24.45 -6.02
CA VAL C 97 19.67 -24.17 -5.69
C VAL C 97 19.00 -23.49 -6.90
N SER C 98 17.95 -24.11 -7.44
CA SER C 98 17.13 -23.56 -8.56
C SER C 98 16.13 -22.54 -8.02
N LEU C 99 16.41 -21.24 -8.19
CA LEU C 99 15.61 -20.12 -7.66
C LEU C 99 14.28 -20.03 -8.42
N ALA C 100 14.30 -20.31 -9.73
CA ALA C 100 13.11 -20.33 -10.63
C ALA C 100 12.06 -21.31 -10.09
N GLN C 101 12.51 -22.44 -9.53
CA GLN C 101 11.65 -23.50 -8.92
C GLN C 101 11.03 -22.98 -7.62
N LEU C 102 11.81 -22.25 -6.81
CA LEU C 102 11.36 -21.68 -5.50
C LEU C 102 10.35 -20.56 -5.74
N TYR C 103 10.67 -19.61 -6.63
CA TYR C 103 9.79 -18.47 -7.01
C TYR C 103 8.45 -19.00 -7.53
N SER C 104 8.47 -20.15 -8.22
CA SER C 104 7.26 -20.85 -8.73
C SER C 104 6.47 -21.45 -7.56
N HIS C 105 7.16 -22.11 -6.63
CA HIS C 105 6.58 -22.77 -5.42
C HIS C 105 5.92 -21.73 -4.51
N TRP C 106 6.58 -20.58 -4.28
CA TRP C 106 6.10 -19.51 -3.36
C TRP C 106 4.96 -18.72 -4.02
N ALA C 107 5.08 -18.42 -5.32
CA ALA C 107 4.11 -17.62 -6.11
C ALA C 107 2.76 -18.34 -6.21
N SER C 108 2.77 -19.67 -6.11
CA SER C 108 1.55 -20.53 -6.16
C SER C 108 0.85 -20.54 -4.80
N VAL C 109 1.62 -20.60 -3.70
CA VAL C 109 1.10 -20.75 -2.30
C VAL C 109 0.96 -19.36 -1.63
N ASP C 110 1.41 -18.29 -2.30
CA ASP C 110 1.38 -16.90 -1.75
C ASP C 110 1.12 -15.91 -2.89
N SER C 111 -0.08 -15.31 -2.91
CA SER C 111 -0.53 -14.34 -3.94
C SER C 111 0.22 -13.01 -3.79
N HIS C 112 0.60 -12.64 -2.56
CA HIS C 112 1.35 -11.38 -2.26
C HIS C 112 2.74 -11.46 -2.89
N PHE C 113 3.47 -12.55 -2.64
CA PHE C 113 4.82 -12.82 -3.19
C PHE C 113 4.78 -12.73 -4.72
N GLN C 114 3.80 -13.39 -5.34
CA GLN C 114 3.62 -13.49 -6.80
C GLN C 114 3.61 -12.08 -7.42
N ARG C 115 2.98 -11.11 -6.75
CA ARG C 115 2.88 -9.70 -7.19
C ARG C 115 4.23 -8.99 -6.97
N VAL C 116 4.82 -9.15 -5.79
CA VAL C 116 6.06 -8.44 -5.34
C VAL C 116 7.28 -9.00 -6.08
N ALA C 117 7.46 -10.33 -6.06
CA ALA C 117 8.66 -11.05 -6.54
C ALA C 117 8.80 -10.94 -8.07
N GLN C 118 7.76 -10.50 -8.77
CA GLN C 118 7.77 -10.29 -10.24
C GLN C 118 8.88 -9.32 -10.64
N LYS C 119 9.13 -8.29 -9.81
CA LYS C 119 10.09 -7.18 -10.09
C LYS C 119 11.39 -7.36 -9.28
N PHE C 120 11.55 -8.48 -8.56
CA PHE C 120 12.73 -8.77 -7.70
C PHE C 120 13.15 -10.23 -7.87
N GLN C 121 13.60 -10.57 -9.09
CA GLN C 121 14.14 -11.92 -9.45
C GLN C 121 15.63 -11.96 -9.11
N GLY C 122 16.16 -13.17 -8.90
CA GLY C 122 17.60 -13.42 -8.63
C GLY C 122 17.99 -12.95 -7.23
N VAL C 123 17.05 -12.91 -6.29
CA VAL C 123 17.33 -12.63 -4.84
C VAL C 123 17.50 -13.99 -4.14
N ARG C 124 18.76 -14.40 -3.95
CA ARG C 124 19.16 -15.65 -3.27
C ARG C 124 20.02 -15.26 -2.05
N LEU C 125 20.46 -16.25 -1.26
CA LEU C 125 21.25 -16.03 -0.03
C LEU C 125 22.69 -16.47 -0.23
N LEU C 126 23.62 -15.70 0.35
CA LEU C 126 25.08 -15.96 0.35
C LEU C 126 25.39 -17.01 1.42
N ARG C 127 26.17 -18.03 1.08
CA ARG C 127 26.71 -19.03 2.06
C ARG C 127 27.94 -18.41 2.72
N GLN C 128 27.71 -17.50 3.67
CA GLN C 128 28.75 -16.65 4.31
C GLN C 128 29.58 -17.49 5.29
N ASP C 129 30.76 -16.98 5.67
CA ASP C 129 31.64 -17.56 6.71
C ASP C 129 30.93 -17.44 8.06
N PRO C 130 30.61 -18.57 8.74
CA PRO C 130 29.99 -18.53 10.06
C PRO C 130 30.60 -17.51 11.04
N THR C 131 31.93 -17.36 11.03
CA THR C 131 32.68 -16.39 11.88
C THR C 131 32.32 -14.97 11.45
N GLU C 132 32.49 -14.65 10.17
CA GLU C 132 32.25 -13.30 9.58
C GLU C 132 30.80 -12.87 9.87
N CYS C 133 29.84 -13.76 9.62
CA CYS C 133 28.37 -13.50 9.77
C CYS C 133 28.03 -13.19 11.23
N LEU C 134 28.64 -13.91 12.18
CA LEU C 134 28.34 -13.86 13.64
C LEU C 134 28.64 -12.45 14.18
N PHE C 135 29.92 -12.04 14.13
CA PHE C 135 30.45 -10.81 14.77
C PHE C 135 29.98 -9.56 14.02
N SER C 136 29.56 -9.70 12.76
CA SER C 136 28.96 -8.62 11.94
C SER C 136 27.59 -8.23 12.50
N PHE C 137 26.78 -9.21 12.90
CA PHE C 137 25.37 -9.04 13.33
C PHE C 137 25.27 -8.80 14.85
N ILE C 138 26.39 -8.93 15.58
CA ILE C 138 26.49 -8.53 17.02
C ILE C 138 26.60 -7.00 17.08
N CYS C 139 27.13 -6.38 16.03
CA CYS C 139 27.23 -4.90 15.86
C CYS C 139 26.02 -4.35 15.10
N SER C 140 24.95 -5.15 14.98
CA SER C 140 23.70 -4.84 14.24
C SER C 140 22.63 -4.25 15.17
N SER C 141 22.71 -4.54 16.47
CA SER C 141 21.75 -4.12 17.52
C SER C 141 21.54 -2.60 17.47
N ASN C 142 20.39 -2.16 16.95
CA ASN C 142 19.98 -0.74 16.82
C ASN C 142 20.91 -0.05 15.81
N ASN C 143 20.82 -0.45 14.53
CA ASN C 143 21.65 0.10 13.42
C ASN C 143 21.02 -0.28 12.07
N ASN C 144 21.41 0.43 11.01
CA ASN C 144 20.99 0.18 9.60
C ASN C 144 22.17 -0.42 8.84
N ILE C 145 22.03 -0.59 7.51
CA ILE C 145 23.06 -1.20 6.62
C ILE C 145 24.32 -0.31 6.63
N ALA C 146 24.14 1.00 6.45
CA ALA C 146 25.22 2.03 6.38
C ALA C 146 26.04 2.02 7.68
N ARG C 147 25.39 1.80 8.83
CA ARG C 147 26.01 1.79 10.18
C ARG C 147 26.92 0.56 10.34
N ILE C 148 26.39 -0.63 10.03
CA ILE C 148 27.07 -1.95 10.21
C ILE C 148 28.27 -2.02 9.25
N THR C 149 28.12 -1.53 8.02
CA THR C 149 29.17 -1.47 6.98
C THR C 149 30.37 -0.68 7.49
N GLY C 150 30.13 0.39 8.26
CA GLY C 150 31.16 1.26 8.85
C GLY C 150 31.99 0.54 9.91
N MET C 151 31.33 -0.06 10.89
CA MET C 151 31.97 -0.76 12.05
C MET C 151 32.77 -1.97 11.55
N VAL C 152 32.15 -2.81 10.72
CA VAL C 152 32.77 -4.04 10.14
C VAL C 152 34.04 -3.67 9.37
N GLU C 153 34.02 -2.51 8.69
CA GLU C 153 35.19 -1.95 7.94
C GLU C 153 36.31 -1.61 8.93
N ARG C 154 35.98 -0.85 9.98
CA ARG C 154 36.93 -0.41 11.03
C ARG C 154 37.37 -1.61 11.87
N LEU C 155 36.48 -2.60 12.06
CA LEU C 155 36.77 -3.87 12.79
C LEU C 155 37.86 -4.64 12.03
N CYS C 156 37.64 -4.88 10.73
CA CYS C 156 38.57 -5.59 9.81
C CYS C 156 39.86 -4.77 9.63
N GLN C 157 39.75 -3.44 9.61
CA GLN C 157 40.88 -2.49 9.43
C GLN C 157 41.91 -2.69 10.56
N ALA C 158 41.44 -2.70 11.81
CA ALA C 158 42.26 -2.80 13.04
C ALA C 158 42.75 -4.25 13.23
N PHE C 159 41.80 -5.17 13.45
CA PHE C 159 42.05 -6.55 13.96
C PHE C 159 42.39 -7.52 12.82
N GLY C 160 42.08 -7.16 11.57
CA GLY C 160 42.19 -8.07 10.39
C GLY C 160 43.50 -7.89 9.65
N PRO C 161 44.00 -8.94 8.95
CA PRO C 161 45.23 -8.84 8.17
C PRO C 161 45.04 -8.04 6.87
N ARG C 162 45.99 -7.14 6.56
CA ARG C 162 46.01 -6.33 5.32
C ARG C 162 46.26 -7.27 4.12
N LEU C 163 45.38 -7.24 3.12
CA LEU C 163 45.43 -8.13 1.93
C LEU C 163 46.13 -7.40 0.77
N ILE C 164 45.55 -6.30 0.30
CA ILE C 164 45.97 -5.59 -0.96
C ILE C 164 45.30 -4.21 -1.00
N GLN C 165 45.85 -3.29 -1.79
CA GLN C 165 45.30 -1.92 -2.02
C GLN C 165 44.89 -1.78 -3.49
N LEU C 166 43.65 -1.34 -3.73
CA LEU C 166 43.10 -1.02 -5.07
C LEU C 166 42.54 0.41 -5.05
N ASP C 167 43.03 1.26 -5.95
CA ASP C 167 42.79 2.74 -5.95
C ASP C 167 43.17 3.25 -4.55
N ASP C 168 42.24 3.87 -3.80
CA ASP C 168 42.52 4.43 -2.45
C ASP C 168 41.72 3.64 -1.41
N VAL C 169 41.62 2.32 -1.57
CA VAL C 169 40.89 1.40 -0.64
C VAL C 169 41.87 0.31 -0.17
N THR C 170 42.09 0.22 1.14
CA THR C 170 42.94 -0.81 1.80
C THR C 170 42.04 -1.96 2.27
N TYR C 171 42.03 -3.07 1.52
CA TYR C 171 41.21 -4.27 1.81
C TYR C 171 41.89 -5.09 2.90
N HIS C 172 41.24 -5.18 4.07
CA HIS C 172 41.65 -6.04 5.22
C HIS C 172 40.69 -7.22 5.32
N GLY C 173 41.21 -8.43 5.55
CA GLY C 173 40.43 -9.66 5.77
C GLY C 173 39.70 -9.61 7.11
N PHE C 174 38.83 -10.58 7.37
CA PHE C 174 38.05 -10.68 8.64
C PHE C 174 38.92 -11.36 9.69
N PRO C 175 39.01 -10.80 10.92
CA PRO C 175 39.84 -11.37 11.98
C PRO C 175 39.63 -12.86 12.29
N ASN C 176 40.70 -13.54 12.72
CA ASN C 176 40.63 -14.84 13.43
C ASN C 176 40.12 -14.57 14.85
N LEU C 177 39.51 -15.57 15.49
CA LEU C 177 38.87 -15.45 16.83
C LEU C 177 39.90 -15.01 17.88
N HIS C 178 41.17 -15.42 17.71
CA HIS C 178 42.30 -15.11 18.64
C HIS C 178 42.49 -13.60 18.78
N ALA C 179 42.28 -12.83 17.70
CA ALA C 179 42.43 -11.36 17.63
C ALA C 179 41.35 -10.68 18.50
N LEU C 180 40.11 -11.18 18.41
CA LEU C 180 38.92 -10.63 19.13
C LEU C 180 38.86 -11.17 20.56
N ALA C 181 39.54 -12.29 20.84
CA ALA C 181 39.57 -12.98 22.14
C ALA C 181 40.71 -12.46 23.03
N GLY C 182 41.66 -11.72 22.44
CA GLY C 182 42.88 -11.24 23.11
C GLY C 182 42.59 -10.37 24.34
N PRO C 183 43.60 -10.11 25.20
CA PRO C 183 43.38 -9.37 26.45
C PRO C 183 42.84 -7.94 26.21
N GLU C 184 43.50 -7.17 25.33
CA GLU C 184 43.14 -5.77 25.01
C GLU C 184 42.29 -5.75 23.72
N ALA C 185 41.21 -6.55 23.70
CA ALA C 185 40.24 -6.65 22.58
C ALA C 185 39.08 -5.69 22.83
N GLU C 186 38.42 -5.83 23.99
CA GLU C 186 37.28 -4.98 24.44
C GLU C 186 37.76 -3.52 24.53
N THR C 187 39.01 -3.29 24.90
CA THR C 187 39.65 -1.95 25.07
C THR C 187 39.66 -1.22 23.72
N HIS C 188 40.23 -1.84 22.69
CA HIS C 188 40.39 -1.27 21.32
C HIS C 188 39.03 -1.12 20.63
N LEU C 189 38.16 -2.13 20.79
CA LEU C 189 36.81 -2.20 20.14
C LEU C 189 35.94 -1.02 20.59
N ARG C 190 35.95 -0.70 21.88
CA ARG C 190 35.13 0.39 22.50
C ARG C 190 35.48 1.74 21.88
N LYS C 191 36.74 1.90 21.42
CA LYS C 191 37.24 3.14 20.77
C LYS C 191 36.53 3.38 19.43
N LEU C 192 36.16 2.31 18.72
CA LEU C 192 35.55 2.37 17.36
C LEU C 192 34.09 2.85 17.46
N GLY C 193 33.44 2.64 18.60
CA GLY C 193 32.05 3.06 18.87
C GLY C 193 31.08 1.89 18.87
N LEU C 194 31.53 0.71 19.27
CA LEU C 194 30.70 -0.52 19.39
C LEU C 194 29.80 -0.42 20.63
N GLY C 195 30.23 0.34 21.63
CA GLY C 195 29.47 0.63 22.87
C GLY C 195 29.38 -0.59 23.78
N TYR C 196 28.16 -1.08 24.02
CA TYR C 196 27.87 -2.25 24.89
C TYR C 196 28.25 -3.55 24.16
N ARG C 197 28.02 -3.60 22.84
CA ARG C 197 28.26 -4.78 21.97
C ARG C 197 29.74 -5.20 22.02
N ALA C 198 30.66 -4.24 22.26
CA ALA C 198 32.12 -4.44 22.32
C ALA C 198 32.48 -5.59 23.26
N ARG C 199 31.76 -5.72 24.39
CA ARG C 199 32.01 -6.76 25.43
C ARG C 199 31.62 -8.15 24.90
N TYR C 200 30.46 -8.26 24.24
CA TYR C 200 29.86 -9.54 23.77
C TYR C 200 30.64 -10.10 22.58
N VAL C 201 31.38 -9.25 21.86
CA VAL C 201 32.31 -9.67 20.76
C VAL C 201 33.46 -10.47 21.40
N ARG C 202 34.09 -9.93 22.45
CA ARG C 202 35.23 -10.55 23.16
C ARG C 202 34.76 -11.83 23.88
N ALA C 203 33.59 -11.78 24.53
CA ALA C 203 33.00 -12.88 25.33
C ALA C 203 32.65 -14.06 24.42
N SER C 204 31.92 -13.79 23.33
CA SER C 204 31.47 -14.80 22.33
C SER C 204 32.66 -15.38 21.57
N ALA C 205 33.70 -14.58 21.34
CA ALA C 205 34.97 -15.00 20.69
C ALA C 205 35.72 -15.96 21.62
N LYS C 206 35.80 -15.62 22.91
CA LYS C 206 36.43 -16.45 23.97
C LYS C 206 35.65 -17.76 24.14
N ALA C 207 34.32 -17.70 24.02
CA ALA C 207 33.38 -18.84 24.20
C ALA C 207 33.61 -19.90 23.11
N ILE C 208 33.84 -19.47 21.86
CA ILE C 208 34.07 -20.37 20.68
C ILE C 208 35.46 -20.99 20.79
N LEU C 209 36.49 -20.17 21.01
CA LEU C 209 37.92 -20.61 21.10
C LEU C 209 38.11 -21.54 22.31
N GLU C 210 37.88 -21.02 23.52
CA GLU C 210 38.20 -21.70 24.80
C GLU C 210 37.10 -22.71 25.15
N GLU C 211 35.88 -22.22 25.46
CA GLU C 211 34.77 -23.01 26.03
C GLU C 211 34.33 -24.10 25.04
N GLN C 212 33.70 -23.72 23.93
CA GLN C 212 33.10 -24.62 22.91
C GLN C 212 34.18 -25.59 22.38
N GLY C 213 35.40 -25.07 22.13
CA GLY C 213 36.57 -25.87 21.73
C GLY C 213 36.83 -25.78 20.25
N GLY C 214 37.66 -24.82 19.82
CA GLY C 214 38.12 -24.64 18.43
C GLY C 214 37.12 -23.83 17.60
N PRO C 215 37.56 -23.30 16.42
CA PRO C 215 36.66 -22.55 15.54
C PRO C 215 35.73 -23.42 14.68
N ALA C 216 35.97 -24.74 14.68
CA ALA C 216 35.24 -25.74 13.87
C ALA C 216 33.94 -26.17 14.55
N TRP C 217 33.63 -25.61 15.73
CA TRP C 217 32.32 -25.78 16.43
C TRP C 217 31.20 -25.20 15.56
N LEU C 218 31.46 -24.05 14.91
CA LEU C 218 30.52 -23.36 13.99
C LEU C 218 30.26 -24.25 12.76
N GLN C 219 31.30 -24.90 12.23
CA GLN C 219 31.21 -25.82 11.06
C GLN C 219 30.40 -27.06 11.46
N GLN C 220 30.44 -27.47 12.73
CA GLN C 220 29.68 -28.61 13.29
C GLN C 220 28.18 -28.29 13.24
N LEU C 221 27.80 -27.04 13.47
CA LEU C 221 26.39 -26.56 13.49
C LEU C 221 25.83 -26.49 12.07
N ARG C 222 26.69 -26.43 11.05
CA ARG C 222 26.31 -26.46 9.61
C ARG C 222 25.72 -27.85 9.28
N VAL C 223 26.22 -28.89 9.96
CA VAL C 223 25.77 -30.32 9.80
C VAL C 223 24.60 -30.59 10.77
N ALA C 224 24.60 -29.96 11.94
CA ALA C 224 23.57 -30.12 13.00
C ALA C 224 22.20 -29.69 12.48
N PRO C 225 21.09 -30.27 12.99
CA PRO C 225 19.75 -29.84 12.59
C PRO C 225 19.41 -28.44 13.12
N TYR C 226 18.58 -27.71 12.36
CA TYR C 226 18.21 -26.28 12.57
C TYR C 226 17.98 -25.99 14.06
N GLU C 227 17.11 -26.77 14.72
CA GLU C 227 16.65 -26.55 16.12
C GLU C 227 17.86 -26.58 17.09
N GLU C 228 18.81 -27.49 16.85
CA GLU C 228 20.01 -27.68 17.70
C GLU C 228 20.93 -26.46 17.62
N ALA C 229 21.21 -25.98 16.40
CA ALA C 229 22.14 -24.87 16.10
C ALA C 229 21.63 -23.55 16.71
N HIS C 230 20.31 -23.30 16.62
CA HIS C 230 19.64 -22.07 17.12
C HIS C 230 19.72 -22.03 18.65
N LYS C 231 19.46 -23.15 19.32
CA LYS C 231 19.59 -23.32 20.79
C LYS C 231 21.06 -23.16 21.19
N ALA C 232 21.98 -23.67 20.36
CA ALA C 232 23.44 -23.66 20.59
C ALA C 232 23.99 -22.23 20.47
N LEU C 233 23.55 -21.48 19.46
CA LEU C 233 23.99 -20.08 19.19
C LEU C 233 23.47 -19.14 20.28
N CYS C 234 22.25 -19.37 20.78
CA CYS C 234 21.57 -18.56 21.83
C CYS C 234 22.33 -18.63 23.15
N THR C 235 23.19 -19.65 23.33
CA THR C 235 24.10 -19.83 24.49
C THR C 235 25.08 -18.65 24.57
N LEU C 236 25.59 -18.18 23.42
CA LEU C 236 26.70 -17.19 23.33
C LEU C 236 26.24 -15.84 23.86
N PRO C 237 27.09 -15.11 24.62
CA PRO C 237 26.76 -13.76 25.10
C PRO C 237 26.41 -12.78 23.97
N GLY C 238 25.37 -11.97 24.17
CA GLY C 238 24.91 -10.93 23.23
C GLY C 238 24.37 -11.51 21.93
N VAL C 239 23.85 -12.73 21.97
CA VAL C 239 23.25 -13.45 20.80
C VAL C 239 21.82 -13.86 21.16
N GLY C 240 20.83 -13.18 20.57
CA GLY C 240 19.39 -13.44 20.75
C GLY C 240 18.83 -14.34 19.67
N ALA C 241 17.50 -14.41 19.55
CA ALA C 241 16.76 -15.28 18.62
C ALA C 241 16.89 -14.75 17.18
N LYS C 242 16.80 -13.43 17.00
CA LYS C 242 16.86 -12.75 15.68
C LYS C 242 18.23 -13.01 15.04
N VAL C 243 19.31 -12.69 15.76
CA VAL C 243 20.73 -12.83 15.29
C VAL C 243 21.01 -14.31 15.00
N ALA C 244 20.59 -15.20 15.89
CA ALA C 244 20.80 -16.67 15.80
C ALA C 244 20.14 -17.22 14.53
N ASP C 245 18.96 -16.69 14.17
CA ASP C 245 18.18 -17.09 12.97
C ASP C 245 18.92 -16.63 11.70
N CYS C 246 19.49 -15.43 11.72
CA CYS C 246 20.30 -14.85 10.60
C CYS C 246 21.49 -15.76 10.30
N ILE C 247 22.28 -16.09 11.32
CA ILE C 247 23.51 -16.92 11.22
C ILE C 247 23.12 -18.31 10.70
N CYS C 248 22.05 -18.91 11.24
CA CYS C 248 21.45 -20.19 10.78
C CYS C 248 21.12 -20.11 9.29
N LEU C 249 20.43 -19.04 8.90
CA LEU C 249 19.90 -18.81 7.53
C LEU C 249 21.05 -18.50 6.55
N MET C 250 22.02 -17.68 6.97
CA MET C 250 23.01 -17.03 6.07
C MET C 250 24.35 -17.79 6.07
N ALA C 251 24.68 -18.55 7.12
CA ALA C 251 25.99 -19.21 7.29
C ALA C 251 25.86 -20.74 7.39
N LEU C 252 24.88 -21.24 8.15
CA LEU C 252 24.82 -22.67 8.59
C LEU C 252 23.78 -23.45 7.77
N ASP C 253 23.46 -23.00 6.55
CA ASP C 253 22.65 -23.75 5.55
C ASP C 253 21.31 -24.19 6.17
N LYS C 254 20.56 -23.25 6.74
CA LYS C 254 19.19 -23.48 7.30
C LYS C 254 18.21 -22.59 6.55
N PRO C 255 17.79 -22.95 5.32
CA PRO C 255 16.87 -22.12 4.53
C PRO C 255 15.49 -21.93 5.17
N GLN C 256 15.11 -22.80 6.12
CA GLN C 256 13.82 -22.74 6.85
C GLN C 256 13.83 -21.59 7.88
N ALA C 257 15.01 -21.20 8.36
CA ALA C 257 15.21 -20.16 9.40
C ALA C 257 14.63 -18.83 8.92
N VAL C 258 13.75 -18.22 9.71
CA VAL C 258 13.10 -16.90 9.45
C VAL C 258 13.44 -15.97 10.62
N PRO C 259 14.48 -15.11 10.49
CA PRO C 259 14.77 -14.11 11.53
C PRO C 259 13.60 -13.12 11.71
N VAL C 260 13.09 -13.00 12.93
CA VAL C 260 11.89 -12.20 13.28
C VAL C 260 12.30 -11.00 14.14
N ASP C 261 11.97 -9.79 13.67
CA ASP C 261 12.08 -8.52 14.44
C ASP C 261 10.93 -7.60 14.00
N VAL C 262 11.10 -6.28 14.11
CA VAL C 262 10.03 -5.26 13.85
C VAL C 262 9.74 -5.21 12.34
N HIS C 263 10.74 -5.48 11.50
CA HIS C 263 10.66 -5.39 10.02
C HIS C 263 9.65 -6.41 9.47
N VAL C 264 9.80 -7.68 9.83
CA VAL C 264 8.97 -8.81 9.32
C VAL C 264 7.59 -8.76 9.99
N TRP C 265 7.52 -8.24 11.23
CA TRP C 265 6.24 -8.00 11.97
C TRP C 265 5.33 -7.07 11.16
N GLN C 266 5.90 -6.03 10.55
CA GLN C 266 5.17 -5.00 9.76
C GLN C 266 4.64 -5.62 8.47
N ILE C 267 5.46 -6.43 7.78
CA ILE C 267 5.10 -7.14 6.53
C ILE C 267 3.99 -8.15 6.84
N ALA C 268 4.20 -8.99 7.86
CA ALA C 268 3.26 -10.05 8.32
C ALA C 268 1.87 -9.44 8.58
N HIS C 269 1.82 -8.32 9.31
CA HIS C 269 0.54 -7.67 9.73
C HIS C 269 -0.11 -6.95 8.55
N ARG C 270 0.64 -6.13 7.82
CA ARG C 270 0.09 -5.26 6.74
C ARG C 270 -0.29 -6.10 5.51
N ASP C 271 0.57 -7.05 5.12
CA ASP C 271 0.48 -7.77 3.82
C ASP C 271 -0.23 -9.13 3.99
N TYR C 272 -0.01 -9.81 5.12
CA TYR C 272 -0.53 -11.18 5.39
C TYR C 272 -1.63 -11.16 6.46
N GLY C 273 -1.97 -9.98 6.98
CA GLY C 273 -3.03 -9.78 7.99
C GLY C 273 -2.87 -10.70 9.20
N TRP C 274 -1.64 -10.88 9.66
CA TRP C 274 -1.29 -11.83 10.77
C TRP C 274 -1.26 -11.10 12.11
N HIS C 275 -1.84 -11.72 13.14
CA HIS C 275 -1.73 -11.36 14.58
C HIS C 275 -1.31 -12.61 15.36
N PRO C 276 -0.64 -12.47 16.52
CA PRO C 276 -0.27 -13.63 17.33
C PRO C 276 -1.51 -14.30 17.94
N LYS C 277 -1.83 -15.52 17.49
CA LYS C 277 -3.03 -16.30 17.88
C LYS C 277 -2.80 -17.00 19.23
N THR C 278 -1.55 -17.00 19.72
CA THR C 278 -1.21 -17.36 21.12
C THR C 278 -1.92 -16.39 22.07
N SER C 279 -2.13 -15.15 21.62
CA SER C 279 -2.96 -14.11 22.29
C SER C 279 -2.33 -13.70 23.63
N GLN C 280 -1.00 -13.73 23.71
CA GLN C 280 -0.21 -13.25 24.88
C GLN C 280 -0.44 -11.75 25.04
N ALA C 281 -0.36 -11.01 23.92
CA ALA C 281 -0.66 -9.57 23.80
C ALA C 281 -0.92 -9.24 22.33
N LYS C 282 -0.74 -7.97 21.93
CA LYS C 282 -0.87 -7.50 20.52
C LYS C 282 0.43 -6.80 20.09
N GLY C 283 1.57 -7.28 20.58
CA GLY C 283 2.91 -6.71 20.30
C GLY C 283 3.99 -7.80 20.23
N PRO C 284 5.20 -7.47 19.72
CA PRO C 284 6.29 -8.45 19.62
C PRO C 284 6.77 -8.99 20.98
N SER C 285 7.12 -10.27 21.03
CA SER C 285 7.61 -10.99 22.24
C SER C 285 8.27 -12.31 21.82
N PRO C 286 9.16 -12.90 22.66
CA PRO C 286 9.79 -14.18 22.34
C PRO C 286 8.84 -15.24 21.79
N LEU C 287 7.69 -15.44 22.44
CA LEU C 287 6.69 -16.49 22.11
C LEU C 287 5.97 -16.13 20.79
N ALA C 288 5.66 -14.85 20.60
CA ALA C 288 4.98 -14.30 19.39
C ALA C 288 5.92 -14.37 18.18
N ASN C 289 7.22 -14.14 18.40
CA ASN C 289 8.28 -14.15 17.35
C ASN C 289 8.43 -15.58 16.80
N LYS C 290 8.53 -16.58 17.70
CA LYS C 290 8.61 -18.02 17.34
C LYS C 290 7.37 -18.43 16.54
N GLU C 291 6.21 -17.85 16.87
CA GLU C 291 4.90 -18.14 16.23
C GLU C 291 4.88 -17.56 14.81
N LEU C 292 5.45 -16.36 14.62
CA LEU C 292 5.52 -15.68 13.31
C LEU C 292 6.51 -16.41 12.39
N GLY C 293 7.60 -16.94 12.96
CA GLY C 293 8.58 -17.78 12.26
C GLY C 293 7.93 -19.04 11.68
N ASN C 294 7.14 -19.74 12.50
CA ASN C 294 6.44 -21.00 12.13
C ASN C 294 5.37 -20.72 11.08
N PHE C 295 4.71 -19.55 11.17
CA PHE C 295 3.66 -19.09 10.23
C PHE C 295 4.23 -19.03 8.81
N PHE C 296 5.44 -18.48 8.67
CA PHE C 296 6.14 -18.29 7.37
C PHE C 296 6.77 -19.62 6.91
N ARG C 297 7.24 -20.44 7.85
CA ARG C 297 7.76 -21.81 7.58
C ARG C 297 6.63 -22.70 7.04
N ASN C 298 5.42 -22.57 7.59
CA ASN C 298 4.22 -23.35 7.20
C ASN C 298 3.74 -22.92 5.81
N LEU C 299 3.83 -21.61 5.50
CA LEU C 299 3.33 -20.99 4.26
C LEU C 299 4.27 -21.30 3.08
N TRP C 300 5.57 -21.02 3.26
CA TRP C 300 6.60 -21.08 2.19
C TRP C 300 7.26 -22.47 2.12
N GLY C 301 7.35 -23.16 3.26
CA GLY C 301 7.90 -24.53 3.35
C GLY C 301 9.37 -24.53 3.73
N PRO C 302 10.23 -25.37 3.10
CA PRO C 302 11.60 -25.57 3.55
C PRO C 302 12.55 -24.38 3.36
N TYR C 303 12.32 -23.56 2.32
CA TYR C 303 13.13 -22.36 1.97
C TYR C 303 12.34 -21.09 2.31
N ALA C 304 11.87 -21.00 3.56
CA ALA C 304 11.06 -19.87 4.07
C ALA C 304 11.92 -18.61 4.20
N GLY C 305 13.14 -18.75 4.77
CA GLY C 305 14.11 -17.66 4.95
C GLY C 305 14.47 -16.99 3.63
N TRP C 306 14.63 -17.78 2.57
CA TRP C 306 14.95 -17.30 1.20
C TRP C 306 13.83 -16.41 0.67
N ALA C 307 12.57 -16.77 0.94
CA ALA C 307 11.36 -16.03 0.53
C ALA C 307 11.29 -14.68 1.27
N GLN C 308 11.64 -14.68 2.56
CA GLN C 308 11.72 -13.46 3.42
C GLN C 308 12.70 -12.46 2.79
N ALA C 309 13.87 -12.94 2.37
CA ALA C 309 14.97 -12.15 1.75
C ALA C 309 14.47 -11.45 0.49
N VAL C 310 13.53 -12.05 -0.24
CA VAL C 310 12.90 -11.46 -1.48
C VAL C 310 12.03 -10.28 -1.06
N LEU C 311 11.21 -10.45 -0.02
CA LEU C 311 10.28 -9.41 0.51
C LEU C 311 11.09 -8.26 1.13
N PHE C 312 12.13 -8.59 1.91
CA PHE C 312 13.12 -7.64 2.49
C PHE C 312 13.73 -6.79 1.38
N SER C 313 14.19 -7.44 0.31
CA SER C 313 14.87 -6.83 -0.87
C SER C 313 13.88 -5.94 -1.64
N ALA C 314 12.59 -6.26 -1.61
CA ALA C 314 11.50 -5.49 -2.26
C ALA C 314 11.11 -4.29 -1.39
N ASP C 315 11.24 -4.41 -0.06
CA ASP C 315 10.92 -3.34 0.93
C ASP C 315 11.93 -2.20 0.79
N LEU C 316 13.23 -2.53 0.71
CA LEU C 316 14.35 -1.55 0.56
C LEU C 316 14.16 -0.70 -0.70
N ARG C 317 13.69 -1.32 -1.79
CA ARG C 317 13.44 -0.66 -3.10
C ARG C 317 11.93 -0.68 -3.40
#